data_3SFD
#
_entry.id   3SFD
#
_cell.length_a   70.310
_cell.length_b   83.360
_cell.length_c   293.100
_cell.angle_alpha   90.00
_cell.angle_beta   90.00
_cell.angle_gamma   90.00
#
_symmetry.space_group_name_H-M   'P 21 21 21'
#
loop_
_entity.id
_entity.type
_entity.pdbx_description
1 polymer 'Succinate dehydrogenase [ubiquinone] flavoprotein subunit, mitochondrial'
2 polymer 'Succinate dehydrogenase [ubiquinone] iron-sulfur subunit, mitochondrial'
3 polymer 'Succinate dehydrogenase cytochrome b560 subunit, mitochondrial'
4 polymer 'Succinate dehydrogenase [ubiquinone] cytochrome b small subunit, mitochondrial'
5 non-polymer 'FLAVIN-ADENINE DINUCLEOTIDE'
6 non-polymer 'OXALOACETATE ION'
7 non-polymer 'FE2/S2 (INORGANIC) CLUSTER'
8 non-polymer 'IRON/SULFUR CLUSTER'
9 non-polymer 'FE3-S4 CLUSTER'
10 non-polymer 'PROTOPORPHYRIN IX CONTAINING FE'
11 non-polymer PENTACHLOROPHENOL
12 water water
#
loop_
_entity_poly.entity_id
_entity_poly.type
_entity_poly.pdbx_seq_one_letter_code
_entity_poly.pdbx_strand_id
1 'polypeptide(L)'
;SSAKVSDAISTQYPVVDHEFDAVVVGAGGAGLRAAFGLSEAGFNTACVTKLFPTRSHTVAAQGGINAALGNMEEDNWRWH
FYDTVKGSDWLGDQDAIHYMTEQAPASVVELENYGMPFSRTEDGKIYQRAFGGQSLKFGKGGQAHRCCCVADRTGHSLLH
TLYGRSLRYDTSYFVEYFALDLLMENGECRGVIALCIEDGSIHRIRARNTVVATGGYGRTYFSCTSAHTSTGDGTAMVTR
AGLPCQDLEFVQFHPTGIYGAGCLITEGCRGEGGILINSQGERFMERYAPVAKDLASRDVVSRSMTLEIREGRGCGPEKD
HVYLQLHHLPPEQLAVRLPGISETAMIFAGVDVTKEPIPVLPTVHYNMGGIPTNYKGQVLRHVNGQDQVVPGLYACGEAA
CASVHGANRLGANSLLDLVVFGRACALSIAESCRPGDKVPSIKPNAGEESVMNLDKLRFANGTIRTSELRLSMQKSMQSH
AAVFRVGSVLQEGCEKILRLYGDLQHLKTFDRGMVWNTDLVETLELQNLMLCALQTIYGAEARKESRGAHAREDFKERVD
EYDYSKPIQGQQKKPFQEHWRKHTLSYVDVKTGKVSLEYRPVIDKTLNEADCATVPPAIRSY
;
A
2 'polypeptide(L)'
;AQTAAATAPRIKKFAIYRWDPDKTGDKPHMQTYEIDLNNCGPMVLDALIKIKNEIDSTLTFRRSCREGICGSCAMNINGG
NTLACTRRIDTNLDKVSKIYPLPHMYVIKDLVPDLSNFYAQYKSIEPYLKKKDESQEGKQQYLQSIEEREKLDGLYECIL
CACCSTSCPSYWWNGDKYLGPAVLMQAYRWMIDSRDDFTEERLAKLQDPFSLYRCHTIMNCTGTCPKGLNPGKAIAEIKK
MMATYKEKKASV
;
B
3 'polypeptide(L)'
;LGTTAKEEMERFWNKNLGSNRPLSPHITIYRWSLPMAMSICHRGTGIALSAGVSLFGLSALLLPGNFESHLELVKSLCLG
PTLIYTAKFGIVFPLMYHTWNGIRHLIWDLGKGLTIPQLTQSGVVVLILTVLSSVGLAAM
;
C
4 'polypeptide(L)'
;ASSKAASLHWTGERVVSVLLLGLLPAAYLNPCSAMDYSLAAALTLHGHWGIGQVVTDYVRGDALQKAAKAGLLALSAFTF
AGLCYFNYHDVGICKAVAMLWKL
;
D
#
loop_
_chem_comp.id
_chem_comp.type
_chem_comp.name
_chem_comp.formula
F3S non-polymer 'FE3-S4 CLUSTER' 'Fe3 S4'
FAD non-polymer 'FLAVIN-ADENINE DINUCLEOTIDE' 'C27 H33 N9 O15 P2'
FES non-polymer 'FE2/S2 (INORGANIC) CLUSTER' 'Fe2 S2'
HEM non-polymer 'PROTOPORPHYRIN IX CONTAINING FE' 'C34 H32 Fe N4 O4'
OAA non-polymer 'OXALOACETATE ION' 'C4 H3 O5 -1'
PCI non-polymer PENTACHLOROPHENOL 'C6 H Cl5 O'
SF4 non-polymer 'IRON/SULFUR CLUSTER' 'Fe4 S4'
#
# COMPACT_ATOMS: atom_id res chain seq x y z
N SER A 10 26.88 21.77 9.99
CA SER A 10 28.04 21.09 9.34
C SER A 10 29.05 20.59 10.38
N THR A 11 29.94 19.69 9.94
CA THR A 11 30.98 19.04 10.78
C THR A 11 30.40 18.19 11.93
N GLN A 12 29.29 18.66 12.50
CA GLN A 12 28.62 17.98 13.61
C GLN A 12 27.69 16.86 13.14
N TYR A 13 27.40 16.84 11.84
CA TYR A 13 26.56 15.80 11.24
C TYR A 13 27.37 14.55 10.87
N PRO A 14 26.82 13.36 11.18
CA PRO A 14 27.53 12.12 10.88
C PRO A 14 27.40 11.74 9.40
N VAL A 15 28.45 12.05 8.64
CA VAL A 15 28.48 11.75 7.20
C VAL A 15 28.96 10.33 6.94
N VAL A 16 28.05 9.49 6.47
CA VAL A 16 28.37 8.10 6.17
C VAL A 16 28.51 7.93 4.66
N ASP A 17 29.57 7.24 4.25
CA ASP A 17 29.86 7.00 2.83
C ASP A 17 29.48 5.62 2.35
N HIS A 18 29.00 5.55 1.11
CA HIS A 18 28.63 4.29 0.48
C HIS A 18 29.17 4.23 -0.93
N GLU A 19 29.67 3.07 -1.33
CA GLU A 19 30.17 2.86 -2.69
C GLU A 19 29.39 1.77 -3.42
N PHE A 20 28.74 2.15 -4.50
CA PHE A 20 27.96 1.22 -5.32
C PHE A 20 28.30 1.36 -6.80
N ASP A 21 27.78 0.46 -7.63
CA ASP A 21 27.86 0.60 -9.07
C ASP A 21 26.78 1.54 -9.60
N ALA A 22 25.57 1.42 -9.05
CA ALA A 22 24.43 2.24 -9.44
C ALA A 22 23.59 2.68 -8.24
N VAL A 23 22.83 3.75 -8.42
CA VAL A 23 21.87 4.24 -7.43
C VAL A 23 20.61 4.68 -8.12
N VAL A 24 19.48 4.15 -7.68
CA VAL A 24 18.19 4.56 -8.19
C VAL A 24 17.47 5.37 -7.11
N VAL A 25 17.22 6.63 -7.42
CA VAL A 25 16.40 7.46 -6.52
C VAL A 25 14.92 7.27 -6.85
N GLY A 26 14.24 6.55 -5.97
CA GLY A 26 12.80 6.31 -6.09
C GLY A 26 12.42 4.86 -6.37
N ALA A 27 11.46 4.36 -5.60
CA ALA A 27 11.01 2.98 -5.77
C ALA A 27 9.52 2.89 -6.08
N GLY A 28 9.02 3.76 -6.95
CA GLY A 28 7.74 3.53 -7.61
C GLY A 28 7.90 2.44 -8.66
N GLY A 29 6.97 2.35 -9.60
CA GLY A 29 7.08 1.39 -10.70
C GLY A 29 8.38 1.55 -11.46
N ALA A 30 8.64 2.77 -11.90
CA ALA A 30 9.84 3.09 -12.66
C ALA A 30 11.10 2.79 -11.87
N GLY A 31 11.11 3.19 -10.61
CA GLY A 31 12.29 3.03 -9.76
C GLY A 31 12.68 1.58 -9.55
N LEU A 32 11.70 0.77 -9.18
CA LEU A 32 11.87 -0.65 -8.92
C LEU A 32 12.35 -1.41 -10.16
N ARG A 33 11.70 -1.14 -11.30
CA ARG A 33 12.09 -1.79 -12.55
C ARG A 33 13.55 -1.52 -12.91
N ALA A 34 13.97 -0.27 -12.73
CA ALA A 34 15.35 0.13 -12.94
C ALA A 34 16.27 -0.57 -11.94
N ALA A 35 15.81 -0.63 -10.69
CA ALA A 35 16.60 -1.08 -9.55
C ALA A 35 16.98 -2.56 -9.64
N PHE A 36 16.00 -3.44 -9.77
CA PHE A 36 16.32 -4.86 -9.93
C PHE A 36 16.78 -5.21 -11.34
N GLY A 37 16.46 -4.34 -12.30
CA GLY A 37 16.95 -4.47 -13.67
C GLY A 37 18.46 -4.42 -13.70
N LEU A 38 19.02 -3.47 -12.95
CA LEU A 38 20.47 -3.33 -12.78
C LEU A 38 21.07 -4.53 -12.07
N SER A 39 20.41 -4.94 -11.00
CA SER A 39 20.80 -6.13 -10.23
C SER A 39 20.71 -7.40 -11.07
N GLU A 40 19.59 -7.53 -11.79
CA GLU A 40 19.36 -8.63 -12.73
C GLU A 40 20.56 -8.79 -13.66
N ALA A 41 21.13 -7.66 -14.05
CA ALA A 41 22.28 -7.59 -14.95
C ALA A 41 23.63 -7.70 -14.22
N GLY A 42 23.57 -8.01 -12.93
CA GLY A 42 24.79 -8.22 -12.14
C GLY A 42 25.47 -6.95 -11.66
N PHE A 43 24.72 -5.85 -11.60
CA PHE A 43 25.23 -4.58 -11.08
C PHE A 43 24.92 -4.40 -9.60
N ASN A 44 25.94 -4.02 -8.83
CA ASN A 44 25.79 -3.72 -7.41
C ASN A 44 25.02 -2.40 -7.20
N THR A 45 23.71 -2.53 -7.07
CA THR A 45 22.78 -1.41 -7.14
C THR A 45 22.32 -0.97 -5.76
N ALA A 46 22.05 0.32 -5.58
CA ALA A 46 21.39 0.83 -4.38
C ALA A 46 20.10 1.56 -4.76
N CYS A 47 19.04 1.37 -3.98
CA CYS A 47 17.81 2.14 -4.17
C CYS A 47 17.59 3.09 -2.99
N VAL A 48 17.18 4.32 -3.29
CA VAL A 48 16.87 5.29 -2.24
C VAL A 48 15.42 5.75 -2.43
N THR A 49 14.62 5.61 -1.37
CA THR A 49 13.22 5.98 -1.43
C THR A 49 12.76 6.51 -0.09
N LYS A 50 12.08 7.67 -0.12
CA LYS A 50 11.61 8.33 1.11
C LYS A 50 10.38 7.65 1.72
N LEU A 51 9.76 6.76 0.94
CA LEU A 51 8.63 5.95 1.40
C LEU A 51 9.03 4.48 1.42
N PHE A 52 8.19 3.63 2.00
CA PHE A 52 8.28 2.20 1.77
C PHE A 52 7.88 1.97 0.31
N PRO A 53 8.70 1.19 -0.44
CA PRO A 53 8.44 1.04 -1.87
C PRO A 53 6.95 0.98 -2.17
N THR A 54 6.22 0.15 -1.43
CA THR A 54 4.82 -0.13 -1.70
C THR A 54 3.86 1.07 -1.53
N ARG A 55 4.33 2.10 -0.84
CA ARG A 55 3.52 3.27 -0.52
C ARG A 55 3.51 4.28 -1.65
N SER A 56 4.44 4.11 -2.58
CA SER A 56 4.65 5.03 -3.71
C SER A 56 3.36 5.28 -4.45
N HIS A 57 3.26 6.43 -5.10
CA HIS A 57 2.02 6.82 -5.73
C HIS A 57 1.50 5.86 -6.82
N THR A 58 2.41 5.14 -7.49
CA THR A 58 2.01 4.18 -8.54
C THR A 58 0.97 3.19 -8.01
N VAL A 59 1.03 2.95 -6.69
CA VAL A 59 0.12 2.03 -5.99
C VAL A 59 -1.35 2.48 -6.06
N ALA A 60 -1.57 3.75 -6.37
CA ALA A 60 -2.91 4.30 -6.49
C ALA A 60 -3.48 4.18 -7.89
N ALA A 61 -2.67 3.74 -8.84
CA ALA A 61 -3.09 3.64 -10.24
C ALA A 61 -4.20 2.61 -10.49
N GLN A 62 -5.21 3.04 -11.25
CA GLN A 62 -6.49 2.35 -11.33
C GLN A 62 -6.83 1.74 -12.69
N GLY A 63 -6.74 2.54 -13.74
CA GLY A 63 -7.24 2.19 -15.07
C GLY A 63 -6.60 0.98 -15.72
N GLY A 64 -5.28 1.01 -15.84
CA GLY A 64 -4.54 -0.10 -16.44
C GLY A 64 -3.28 0.29 -17.16
N ILE A 65 -2.74 -0.64 -17.93
CA ILE A 65 -1.44 -0.47 -18.57
C ILE A 65 -1.49 -0.92 -20.04
N ASN A 66 -1.25 0.02 -20.96
CA ASN A 66 -1.40 -0.19 -22.40
C ASN A 66 -0.39 -1.13 -23.07
N ALA A 67 -0.88 -1.95 -24.00
CA ALA A 67 -0.05 -2.78 -24.88
C ALA A 67 -0.89 -3.42 -25.96
N ALA A 68 -0.37 -3.47 -27.18
CA ALA A 68 -1.12 -3.99 -28.32
C ALA A 68 -1.04 -5.51 -28.44
N LEU A 69 -1.50 -6.20 -27.40
CA LEU A 69 -1.36 -7.66 -27.30
C LEU A 69 -2.29 -8.47 -28.21
N GLY A 70 -3.33 -7.82 -28.73
CA GLY A 70 -4.26 -8.47 -29.64
C GLY A 70 -5.15 -9.49 -28.96
N ASN A 71 -5.49 -9.23 -27.70
CA ASN A 71 -6.31 -10.14 -26.91
C ASN A 71 -7.80 -9.95 -27.14
N MET A 72 -8.25 -8.70 -27.16
CA MET A 72 -9.67 -8.40 -27.40
C MET A 72 -10.00 -8.55 -28.86
N GLU A 73 -9.55 -7.58 -29.66
CA GLU A 73 -9.61 -7.64 -31.12
C GLU A 73 -8.18 -7.93 -31.62
N GLU A 74 -7.93 -7.78 -32.92
CA GLU A 74 -6.56 -7.85 -33.44
C GLU A 74 -5.94 -6.45 -33.43
N ASP A 75 -4.63 -6.39 -33.24
CA ASP A 75 -3.98 -5.12 -32.94
C ASP A 75 -2.64 -4.94 -33.65
N ASN A 76 -2.16 -3.70 -33.68
CA ASN A 76 -0.81 -3.39 -34.14
C ASN A 76 -0.23 -2.30 -33.24
N TRP A 77 0.98 -2.54 -32.71
CA TRP A 77 1.59 -1.59 -31.78
C TRP A 77 1.84 -0.24 -32.45
N ARG A 78 1.89 -0.28 -33.77
CA ARG A 78 2.02 0.91 -34.57
C ARG A 78 0.76 1.77 -34.51
N TRP A 79 -0.40 1.15 -34.24
CA TRP A 79 -1.63 1.92 -34.04
C TRP A 79 -1.55 2.61 -32.70
N HIS A 80 -1.04 1.89 -31.71
CA HIS A 80 -0.74 2.44 -30.40
C HIS A 80 0.17 3.66 -30.55
N PHE A 81 1.29 3.48 -31.26
CA PHE A 81 2.20 4.57 -31.64
C PHE A 81 1.41 5.80 -32.16
N TYR A 82 0.68 5.60 -33.25
CA TYR A 82 -0.10 6.68 -33.86
C TYR A 82 -0.99 7.41 -32.87
N ASP A 83 -1.68 6.64 -32.02
CA ASP A 83 -2.57 7.22 -31.01
C ASP A 83 -1.79 8.13 -30.07
N THR A 84 -0.64 7.64 -29.62
CA THR A 84 0.20 8.32 -28.63
C THR A 84 0.76 9.64 -29.16
N VAL A 85 1.40 9.59 -30.31
CA VAL A 85 1.95 10.79 -30.94
C VAL A 85 0.84 11.80 -31.24
N LYS A 86 -0.28 11.34 -31.80
CA LYS A 86 -1.44 12.22 -31.98
C LYS A 86 -1.83 12.88 -30.65
N GLY A 87 -2.15 12.04 -29.67
CA GLY A 87 -2.54 12.51 -28.35
C GLY A 87 -1.57 13.51 -27.73
N SER A 88 -0.30 13.41 -28.13
CA SER A 88 0.75 14.31 -27.63
C SER A 88 0.72 15.69 -28.30
N ASP A 89 -0.21 15.88 -29.24
CA ASP A 89 -0.33 17.13 -30.00
C ASP A 89 1.00 17.55 -30.61
N TRP A 90 1.76 16.53 -31.01
CA TRP A 90 3.08 16.65 -31.67
C TRP A 90 4.15 17.46 -30.93
N LEU A 91 4.12 17.39 -29.61
CA LEU A 91 5.26 17.81 -28.83
C LEU A 91 6.05 16.56 -28.40
N GLY A 92 5.48 15.39 -28.71
CA GLY A 92 6.06 14.12 -28.31
C GLY A 92 7.19 13.67 -29.20
N ASP A 93 8.31 13.31 -28.58
CA ASP A 93 9.48 12.80 -29.29
C ASP A 93 9.21 11.38 -29.83
N GLN A 94 9.10 11.28 -31.15
CA GLN A 94 8.64 10.06 -31.81
C GLN A 94 9.60 8.88 -31.77
N ASP A 95 10.88 9.15 -31.46
CA ASP A 95 11.87 8.08 -31.29
C ASP A 95 11.57 7.24 -30.04
N ALA A 96 11.24 7.96 -28.96
CA ALA A 96 10.82 7.35 -27.69
C ALA A 96 9.46 6.64 -27.81
N ILE A 97 8.46 7.33 -28.36
CA ILE A 97 7.13 6.74 -28.55
C ILE A 97 7.23 5.42 -29.33
N HIS A 98 8.02 5.44 -30.40
CA HIS A 98 8.31 4.23 -31.16
C HIS A 98 8.85 3.17 -30.19
N TYR A 99 9.89 3.50 -29.42
CA TYR A 99 10.49 2.54 -28.49
C TYR A 99 9.45 1.97 -27.54
N MET A 100 8.83 2.85 -26.77
CA MET A 100 7.81 2.49 -25.78
C MET A 100 6.71 1.57 -26.34
N THR A 101 5.98 2.04 -27.37
CA THR A 101 4.82 1.29 -27.90
C THR A 101 5.22 -0.08 -28.48
N GLU A 102 6.46 -0.17 -28.96
CA GLU A 102 7.00 -1.44 -29.45
C GLU A 102 7.36 -2.38 -28.30
N GLN A 103 7.95 -1.82 -27.25
CA GLN A 103 8.40 -2.61 -26.08
C GLN A 103 7.23 -3.00 -25.16
N ALA A 104 6.08 -2.36 -25.36
CA ALA A 104 4.88 -2.55 -24.55
C ALA A 104 4.41 -4.02 -24.42
N PRO A 105 4.14 -4.71 -25.55
CA PRO A 105 3.72 -6.09 -25.40
C PRO A 105 4.76 -6.95 -24.68
N ALA A 106 6.04 -6.75 -24.96
CA ALA A 106 7.07 -7.48 -24.23
C ALA A 106 7.03 -7.14 -22.72
N SER A 107 6.76 -5.87 -22.42
CA SER A 107 6.78 -5.36 -21.04
C SER A 107 5.63 -5.86 -20.16
N VAL A 108 4.41 -5.79 -20.70
CA VAL A 108 3.22 -6.31 -20.02
C VAL A 108 3.36 -7.81 -19.77
N VAL A 109 3.79 -8.56 -20.79
CA VAL A 109 4.03 -10.00 -20.65
C VAL A 109 5.11 -10.31 -19.61
N GLU A 110 6.07 -9.40 -19.45
CA GLU A 110 7.07 -9.49 -18.38
C GLU A 110 6.37 -9.41 -17.04
N LEU A 111 5.44 -8.45 -16.92
CA LEU A 111 4.74 -8.19 -15.66
C LEU A 111 3.84 -9.33 -15.28
N GLU A 112 3.07 -9.82 -16.26
CA GLU A 112 2.22 -10.99 -16.06
C GLU A 112 3.08 -12.17 -15.65
N ASN A 113 4.17 -12.41 -16.38
CA ASN A 113 5.07 -13.50 -16.04
C ASN A 113 5.67 -13.34 -14.65
N TYR A 114 5.87 -12.09 -14.22
CA TYR A 114 6.33 -11.79 -12.86
C TYR A 114 5.34 -12.21 -11.78
N GLY A 115 4.05 -12.22 -12.12
CA GLY A 115 3.00 -12.65 -11.19
C GLY A 115 1.79 -11.73 -11.18
N MET A 116 1.88 -10.61 -11.88
CA MET A 116 0.79 -9.64 -11.91
C MET A 116 -0.55 -10.33 -12.24
N PRO A 117 -1.53 -10.23 -11.33
CA PRO A 117 -2.77 -10.95 -11.49
C PRO A 117 -3.78 -10.18 -12.35
N PHE A 118 -3.47 -10.07 -13.63
CA PHE A 118 -4.38 -9.43 -14.57
C PHE A 118 -5.74 -10.13 -14.59
N SER A 119 -6.81 -9.35 -14.76
CA SER A 119 -8.13 -9.90 -15.04
C SER A 119 -8.05 -10.69 -16.35
N ARG A 120 -8.85 -11.75 -16.46
CA ARG A 120 -8.71 -12.67 -17.59
C ARG A 120 -9.89 -12.67 -18.55
N THR A 121 -9.61 -13.11 -19.78
CA THR A 121 -10.63 -13.30 -20.81
C THR A 121 -11.05 -14.76 -20.86
N GLU A 122 -12.10 -15.04 -21.63
CA GLU A 122 -12.62 -16.38 -21.81
C GLU A 122 -11.60 -17.34 -22.42
N ASP A 123 -10.51 -16.79 -22.96
CA ASP A 123 -9.41 -17.59 -23.49
C ASP A 123 -8.28 -17.75 -22.48
N GLY A 124 -8.44 -17.14 -21.32
CA GLY A 124 -7.43 -17.21 -20.26
C GLY A 124 -6.23 -16.35 -20.56
N LYS A 125 -6.46 -15.29 -21.34
CA LYS A 125 -5.45 -14.29 -21.67
C LYS A 125 -5.74 -13.01 -20.89
N ILE A 126 -4.78 -12.09 -20.88
CA ILE A 126 -4.93 -10.80 -20.19
C ILE A 126 -6.09 -9.99 -20.76
N TYR A 127 -7.04 -9.65 -19.90
CA TYR A 127 -8.18 -8.83 -20.30
C TYR A 127 -7.75 -7.40 -20.49
N GLN A 128 -8.08 -6.84 -21.66
CA GLN A 128 -7.84 -5.43 -21.95
C GLN A 128 -9.17 -4.70 -22.12
N ARG A 129 -9.17 -3.38 -21.95
CA ARG A 129 -10.39 -2.63 -22.23
C ARG A 129 -10.22 -1.25 -22.87
N ALA A 130 -11.32 -0.72 -23.38
CA ALA A 130 -11.39 0.59 -24.00
C ALA A 130 -10.87 1.68 -23.06
N PHE A 131 -10.23 2.69 -23.65
CA PHE A 131 -9.71 3.82 -22.88
C PHE A 131 -9.69 5.07 -23.77
N GLY A 132 -9.53 6.23 -23.13
CA GLY A 132 -9.67 7.53 -23.78
C GLY A 132 -8.78 7.81 -24.98
N GLY A 133 -9.40 7.81 -26.16
CA GLY A 133 -8.75 8.21 -27.41
C GLY A 133 -7.76 7.19 -27.94
N GLN A 134 -8.18 5.93 -27.98
CA GLN A 134 -7.36 4.89 -28.59
C GLN A 134 -8.13 4.18 -29.70
N SER A 135 -7.45 3.97 -30.83
CA SER A 135 -8.10 3.49 -32.03
C SER A 135 -7.35 2.36 -32.75
N LEU A 136 -8.06 1.70 -33.65
CA LEU A 136 -7.47 0.69 -34.51
C LEU A 136 -7.15 1.31 -35.87
N LYS A 137 -6.25 0.66 -36.60
CA LYS A 137 -5.92 1.06 -37.97
C LYS A 137 -5.66 2.56 -38.12
N PHE A 138 -4.67 3.07 -37.38
CA PHE A 138 -4.24 4.47 -37.46
C PHE A 138 -5.41 5.45 -37.46
N GLY A 139 -6.27 5.35 -36.45
CA GLY A 139 -7.39 6.28 -36.30
C GLY A 139 -8.63 5.97 -37.14
N LYS A 140 -8.56 4.90 -37.94
CA LYS A 140 -9.66 4.55 -38.85
C LYS A 140 -10.56 3.43 -38.31
N GLY A 141 -9.94 2.37 -37.78
CA GLY A 141 -10.68 1.20 -37.30
C GLY A 141 -11.47 1.38 -36.02
N GLY A 142 -11.79 2.63 -35.68
CA GLY A 142 -12.60 2.94 -34.49
C GLY A 142 -11.94 2.60 -33.17
N GLN A 143 -12.74 2.53 -32.10
CA GLN A 143 -12.26 2.31 -30.73
C GLN A 143 -11.47 1.02 -30.54
N ALA A 144 -10.33 1.13 -29.84
CA ALA A 144 -9.47 -0.01 -29.56
C ALA A 144 -9.51 -0.40 -28.09
N HIS A 145 -9.33 -1.69 -27.83
CA HIS A 145 -9.37 -2.23 -26.48
C HIS A 145 -8.04 -2.92 -26.16
N ARG A 146 -7.08 -2.11 -25.72
CA ARG A 146 -5.71 -2.60 -25.43
C ARG A 146 -5.19 -2.20 -24.03
N CYS A 147 -6.05 -1.62 -23.21
CA CYS A 147 -5.70 -1.25 -21.84
C CYS A 147 -5.78 -2.47 -20.92
N CYS A 148 -4.62 -3.09 -20.68
CA CYS A 148 -4.50 -4.26 -19.81
C CYS A 148 -4.70 -3.87 -18.36
N CYS A 149 -5.53 -4.61 -17.64
CA CYS A 149 -5.78 -4.27 -16.24
C CYS A 149 -5.89 -5.44 -15.25
N VAL A 150 -5.58 -5.13 -13.99
CA VAL A 150 -5.94 -5.95 -12.84
C VAL A 150 -7.21 -5.32 -12.26
N ALA A 151 -8.35 -5.79 -12.75
CA ALA A 151 -9.65 -5.20 -12.46
C ALA A 151 -9.62 -3.68 -12.42
N ASP A 152 -9.36 -3.16 -11.22
CA ASP A 152 -9.49 -1.73 -10.94
C ASP A 152 -8.27 -1.19 -10.20
N ARG A 153 -7.43 -2.10 -9.71
CA ARG A 153 -6.30 -1.76 -8.84
C ARG A 153 -4.96 -2.12 -9.49
N THR A 154 -4.82 -1.73 -10.76
CA THR A 154 -3.66 -2.05 -11.61
C THR A 154 -2.32 -1.60 -11.09
N GLY A 155 -2.24 -0.33 -10.70
CA GLY A 155 -1.01 0.24 -10.16
C GLY A 155 -0.61 -0.48 -8.88
N HIS A 156 -1.59 -0.63 -7.99
CA HIS A 156 -1.42 -1.40 -6.77
C HIS A 156 -0.78 -2.76 -7.01
N SER A 157 -1.39 -3.51 -7.94
CA SER A 157 -0.95 -4.85 -8.27
C SER A 157 0.42 -4.85 -8.96
N LEU A 158 0.60 -3.89 -9.87
CA LEU A 158 1.87 -3.67 -10.56
C LEU A 158 3.01 -3.39 -9.57
N LEU A 159 2.79 -2.44 -8.68
CA LEU A 159 3.81 -2.04 -7.72
C LEU A 159 4.16 -3.20 -6.78
N HIS A 160 3.12 -3.91 -6.33
CA HIS A 160 3.32 -5.04 -5.43
C HIS A 160 4.08 -6.19 -6.07
N THR A 161 3.69 -6.57 -7.29
CA THR A 161 4.41 -7.62 -7.98
C THR A 161 5.87 -7.22 -8.27
N LEU A 162 6.09 -5.97 -8.67
CA LEU A 162 7.44 -5.45 -8.86
C LEU A 162 8.23 -5.49 -7.55
N TYR A 163 7.60 -5.02 -6.47
CA TYR A 163 8.25 -5.10 -5.17
C TYR A 163 8.57 -6.57 -4.85
N GLY A 164 7.60 -7.45 -5.07
CA GLY A 164 7.76 -8.88 -4.86
C GLY A 164 9.00 -9.37 -5.57
N ARG A 165 9.06 -9.09 -6.87
CA ARG A 165 10.15 -9.53 -7.72
C ARG A 165 11.50 -9.04 -7.19
N SER A 166 11.52 -7.80 -6.72
CA SER A 166 12.75 -7.14 -6.30
C SER A 166 13.46 -7.81 -5.12
N LEU A 167 12.71 -8.56 -4.30
CA LEU A 167 13.28 -9.25 -3.14
C LEU A 167 14.25 -10.36 -3.56
N ARG A 168 14.16 -10.72 -4.83
CA ARG A 168 14.89 -11.85 -5.39
C ARG A 168 16.37 -11.55 -5.68
N TYR A 169 16.73 -10.27 -5.71
CA TYR A 169 18.08 -9.84 -6.09
C TYR A 169 18.81 -9.08 -4.98
N ASP A 170 20.14 -9.01 -5.07
CA ASP A 170 20.98 -8.46 -3.99
C ASP A 170 21.10 -6.92 -3.94
N THR A 171 20.01 -6.24 -4.33
CA THR A 171 19.93 -4.78 -4.24
C THR A 171 19.81 -4.35 -2.77
N SER A 172 20.34 -3.15 -2.46
CA SER A 172 20.28 -2.57 -1.12
C SER A 172 19.28 -1.41 -1.10
N TYR A 173 18.26 -1.52 -0.26
CA TYR A 173 17.19 -0.53 -0.24
C TYR A 173 17.21 0.40 0.98
N PHE A 174 17.57 1.65 0.74
CA PHE A 174 17.55 2.69 1.76
C PHE A 174 16.13 3.26 1.86
N VAL A 175 15.31 2.58 2.66
CA VAL A 175 13.91 2.91 2.85
C VAL A 175 13.78 4.12 3.77
N GLU A 176 12.80 4.98 3.47
CA GLU A 176 12.63 6.26 4.14
C GLU A 176 13.98 6.98 4.29
N TYR A 177 14.60 7.23 3.13
CA TYR A 177 15.77 8.07 3.02
C TYR A 177 15.38 9.19 2.09
N PHE A 178 15.75 10.41 2.45
CA PHE A 178 15.37 11.59 1.67
C PHE A 178 16.56 12.12 0.91
N ALA A 179 16.52 11.92 -0.40
CA ALA A 179 17.55 12.44 -1.30
C ALA A 179 17.48 13.95 -1.30
N LEU A 180 18.62 14.57 -1.00
CA LEU A 180 18.70 16.02 -0.88
C LEU A 180 19.15 16.67 -2.18
N ASP A 181 20.28 16.18 -2.70
CA ASP A 181 20.84 16.67 -3.95
C ASP A 181 21.59 15.57 -4.67
N LEU A 182 21.98 15.82 -5.91
CA LEU A 182 22.90 14.95 -6.62
C LEU A 182 24.31 15.22 -6.15
N LEU A 183 25.20 14.25 -6.34
CA LEU A 183 26.61 14.53 -6.18
C LEU A 183 27.18 14.74 -7.58
N MET A 184 27.56 15.98 -7.84
CA MET A 184 28.00 16.38 -9.17
C MET A 184 29.47 16.81 -9.15
N GLU A 185 30.20 16.44 -10.19
CA GLU A 185 31.58 16.88 -10.31
C GLU A 185 31.93 17.16 -11.78
N ASN A 186 32.08 18.44 -12.10
CA ASN A 186 32.38 18.91 -13.46
C ASN A 186 31.41 18.34 -14.48
N GLY A 187 30.12 18.60 -14.25
CA GLY A 187 29.07 18.13 -15.14
C GLY A 187 28.86 16.63 -15.17
N GLU A 188 29.45 15.91 -14.22
CA GLU A 188 29.33 14.45 -14.13
C GLU A 188 28.68 13.99 -12.83
N CYS A 189 27.61 13.20 -12.95
CA CYS A 189 26.92 12.69 -11.76
C CYS A 189 27.66 11.55 -11.06
N ARG A 190 27.91 11.74 -9.77
CA ARG A 190 28.74 10.86 -8.97
C ARG A 190 27.95 10.05 -7.95
N GLY A 191 26.68 10.41 -7.75
CA GLY A 191 25.81 9.73 -6.79
C GLY A 191 24.78 10.66 -6.19
N VAL A 192 24.34 10.35 -4.96
CA VAL A 192 23.41 11.21 -4.22
C VAL A 192 23.79 11.42 -2.75
N ILE A 193 23.22 12.47 -2.16
CA ILE A 193 23.37 12.75 -0.75
C ILE A 193 21.98 12.78 -0.09
N ALA A 194 21.82 11.96 0.93
CA ALA A 194 20.49 11.68 1.48
C ALA A 194 20.38 11.77 2.99
N LEU A 195 19.15 11.97 3.46
CA LEU A 195 18.85 12.02 4.89
C LEU A 195 18.20 10.71 5.33
N CYS A 196 18.88 9.99 6.23
CA CYS A 196 18.30 8.80 6.85
C CYS A 196 17.25 9.21 7.88
N ILE A 197 16.00 9.35 7.44
CA ILE A 197 14.90 9.86 8.29
C ILE A 197 14.87 9.21 9.68
N GLU A 198 15.27 7.94 9.76
CA GLU A 198 15.22 7.16 10.99
C GLU A 198 16.05 7.75 12.12
N ASP A 199 17.30 8.14 11.82
CA ASP A 199 18.16 8.73 12.87
C ASP A 199 18.57 10.17 12.56
N GLY A 200 18.23 10.65 11.37
CA GLY A 200 18.58 12.01 10.94
C GLY A 200 20.01 12.17 10.45
N SER A 201 20.71 11.06 10.23
CA SER A 201 22.11 11.10 9.78
C SER A 201 22.24 11.33 8.27
N ILE A 202 23.44 11.75 7.85
CA ILE A 202 23.70 12.14 6.46
C ILE A 202 24.53 11.10 5.70
N HIS A 203 23.99 10.67 4.56
CA HIS A 203 24.61 9.63 3.76
C HIS A 203 24.95 10.11 2.35
N ARG A 204 26.22 9.96 1.99
CA ARG A 204 26.70 10.26 0.65
C ARG A 204 26.93 8.96 -0.09
N ILE A 205 25.97 8.58 -0.93
CA ILE A 205 26.07 7.37 -1.74
C ILE A 205 26.64 7.73 -3.10
N ARG A 206 27.85 7.24 -3.37
CA ARG A 206 28.48 7.47 -4.66
C ARG A 206 28.45 6.22 -5.57
N ALA A 207 27.90 6.41 -6.78
CA ALA A 207 27.83 5.36 -7.79
C ALA A 207 28.24 5.90 -9.17
N ARG A 208 28.73 4.99 -10.01
CA ARG A 208 29.11 5.32 -11.38
C ARG A 208 27.92 5.84 -12.18
N ASN A 209 26.75 5.26 -11.95
CA ASN A 209 25.52 5.71 -12.60
C ASN A 209 24.43 6.04 -11.61
N THR A 210 23.56 6.97 -11.96
CA THR A 210 22.50 7.42 -11.09
C THR A 210 21.19 7.57 -11.84
N VAL A 211 20.15 6.88 -11.38
CA VAL A 211 18.82 6.96 -12.03
C VAL A 211 17.84 7.72 -11.14
N VAL A 212 17.25 8.78 -11.68
CA VAL A 212 16.29 9.59 -10.92
C VAL A 212 14.88 9.23 -11.32
N ALA A 213 14.15 8.58 -10.40
CA ALA A 213 12.75 8.19 -10.63
C ALA A 213 11.88 8.62 -9.46
N THR A 214 11.70 9.93 -9.31
CA THR A 214 11.08 10.47 -8.11
C THR A 214 9.62 10.89 -8.31
N GLY A 215 9.04 10.54 -9.45
CA GLY A 215 7.64 10.84 -9.72
C GLY A 215 7.32 12.32 -9.81
N GLY A 216 6.02 12.63 -9.93
CA GLY A 216 5.54 13.99 -10.20
C GLY A 216 5.60 14.99 -9.06
N TYR A 217 5.17 16.21 -9.35
CA TYR A 217 5.15 17.28 -8.36
C TYR A 217 3.75 17.89 -8.26
N GLY A 218 2.73 17.11 -8.61
CA GLY A 218 1.34 17.55 -8.59
C GLY A 218 0.91 18.34 -7.37
N ARG A 219 1.56 18.11 -6.23
CA ARG A 219 1.27 18.82 -4.97
C ARG A 219 1.74 20.29 -4.95
N THR A 220 1.98 20.84 -6.14
CA THR A 220 2.19 22.28 -6.30
C THR A 220 0.84 22.97 -6.36
N TYR A 221 -0.23 22.17 -6.42
CA TYR A 221 -1.58 22.68 -6.54
C TYR A 221 -2.43 22.39 -5.33
N PHE A 222 -3.49 23.19 -5.19
CA PHE A 222 -4.40 23.10 -4.05
C PHE A 222 -5.24 21.83 -4.10
N SER A 223 -5.63 21.42 -5.31
CA SER A 223 -6.43 20.22 -5.52
C SER A 223 -5.80 19.32 -6.57
N CYS A 224 -5.43 18.10 -6.16
CA CYS A 224 -4.80 17.13 -7.05
C CYS A 224 -5.06 15.70 -6.59
N THR A 225 -5.04 14.76 -7.53
CA THR A 225 -5.28 13.35 -7.21
C THR A 225 -4.03 12.67 -6.65
N SER A 226 -2.99 13.46 -6.42
CA SER A 226 -1.66 12.94 -6.09
C SER A 226 -1.47 12.68 -4.62
N ALA A 227 -0.55 11.77 -4.31
CA ALA A 227 -0.13 11.51 -2.94
C ALA A 227 0.53 12.74 -2.33
N HIS A 228 0.36 12.90 -1.01
CA HIS A 228 0.99 14.00 -0.29
C HIS A 228 2.47 14.05 -0.56
N THR A 229 3.00 12.94 -1.06
CA THR A 229 4.44 12.75 -1.25
C THR A 229 4.90 12.98 -2.70
N SER A 230 4.00 13.50 -3.54
CA SER A 230 4.31 13.87 -4.93
C SER A 230 4.83 15.32 -4.98
N THR A 231 6.13 15.48 -4.74
CA THR A 231 6.71 16.80 -4.47
C THR A 231 7.90 17.23 -5.35
N GLY A 232 8.06 16.60 -6.51
CA GLY A 232 9.12 16.93 -7.47
C GLY A 232 10.53 17.04 -6.91
N ASP A 233 10.88 16.14 -5.99
CA ASP A 233 12.17 16.17 -5.29
C ASP A 233 13.39 15.94 -6.20
N GLY A 234 13.22 15.09 -7.20
CA GLY A 234 14.30 14.81 -8.17
C GLY A 234 14.38 15.94 -9.16
N THR A 235 13.22 16.33 -9.68
CA THR A 235 13.05 17.54 -10.49
C THR A 235 13.88 18.69 -9.93
N ALA A 236 13.66 19.00 -8.65
CA ALA A 236 14.35 20.09 -7.98
C ALA A 236 15.86 19.83 -7.80
N MET A 237 16.25 18.61 -7.43
CA MET A 237 17.68 18.26 -7.37
C MET A 237 18.36 18.57 -8.70
N VAL A 238 17.64 18.30 -9.78
CA VAL A 238 18.10 18.60 -11.12
C VAL A 238 18.25 20.12 -11.33
N THR A 239 17.24 20.86 -10.86
CA THR A 239 17.27 22.32 -10.96
C THR A 239 18.40 22.89 -10.11
N ARG A 240 18.61 22.30 -8.94
CA ARG A 240 19.70 22.72 -8.06
C ARG A 240 21.08 22.40 -8.63
N ALA A 241 21.12 21.54 -9.65
CA ALA A 241 22.38 21.22 -10.33
C ALA A 241 22.68 22.24 -11.42
N GLY A 242 21.66 23.02 -11.80
CA GLY A 242 21.74 23.96 -12.91
C GLY A 242 21.40 23.27 -14.21
N LEU A 243 20.69 22.14 -14.12
CA LEU A 243 20.25 21.41 -15.30
C LEU A 243 18.83 21.80 -15.74
N PRO A 244 18.53 21.62 -17.04
CA PRO A 244 17.22 22.06 -17.53
C PRO A 244 16.10 21.11 -17.15
N CYS A 245 14.89 21.64 -17.08
CA CYS A 245 13.70 20.82 -16.91
C CYS A 245 12.76 21.10 -18.08
N GLN A 246 12.42 20.04 -18.79
CA GLN A 246 11.63 20.15 -19.99
C GLN A 246 10.12 20.26 -19.71
N ASP A 247 9.45 21.11 -20.48
CA ASP A 247 7.97 21.18 -20.58
C ASP A 247 7.15 21.18 -19.27
N LEU A 248 7.66 21.85 -18.25
CA LEU A 248 7.01 21.86 -16.94
C LEU A 248 5.64 22.53 -16.90
N GLU A 249 5.29 23.28 -17.94
CA GLU A 249 4.00 23.96 -18.00
C GLU A 249 2.86 23.03 -18.41
N PHE A 250 3.20 21.94 -19.06
CA PHE A 250 2.20 20.97 -19.50
C PHE A 250 1.81 20.07 -18.33
N VAL A 251 0.72 20.46 -17.68
CA VAL A 251 0.19 19.81 -16.49
C VAL A 251 -1.15 19.16 -16.83
N GLN A 252 -1.26 17.87 -16.56
CA GLN A 252 -2.47 17.13 -16.91
C GLN A 252 -3.56 17.30 -15.88
N PHE A 253 -4.72 17.75 -16.36
CA PHE A 253 -5.91 17.85 -15.54
C PHE A 253 -6.83 16.68 -15.87
N HIS A 254 -6.78 15.64 -15.02
CA HIS A 254 -7.67 14.50 -15.16
C HIS A 254 -9.12 14.97 -15.02
N PRO A 255 -9.99 14.57 -15.99
CA PRO A 255 -11.38 15.00 -16.01
C PRO A 255 -12.16 14.58 -14.78
N THR A 256 -11.99 13.33 -14.35
CA THR A 256 -12.81 12.75 -13.29
C THR A 256 -12.06 12.46 -11.96
N GLY A 257 -11.99 13.48 -11.12
CA GLY A 257 -11.51 13.35 -9.75
C GLY A 257 -12.61 13.82 -8.81
N ILE A 258 -12.73 13.17 -7.65
CA ILE A 258 -13.87 13.39 -6.75
C ILE A 258 -13.94 14.81 -6.17
N TYR A 259 -15.14 15.35 -6.16
CA TYR A 259 -15.38 16.74 -5.81
C TYR A 259 -14.80 17.14 -4.45
N GLY A 260 -14.88 16.24 -3.47
CA GLY A 260 -14.42 16.50 -2.11
C GLY A 260 -12.90 16.59 -1.94
N ALA A 261 -12.29 15.48 -1.53
CA ALA A 261 -10.86 15.42 -1.23
C ALA A 261 -9.99 15.40 -2.48
N GLY A 262 -10.62 15.16 -3.63
CA GLY A 262 -9.91 15.16 -4.91
C GLY A 262 -9.31 13.81 -5.24
N CYS A 263 -9.93 12.75 -4.75
CA CYS A 263 -9.53 11.38 -5.08
C CYS A 263 -9.85 11.07 -6.53
N LEU A 264 -9.12 10.14 -7.13
CA LEU A 264 -9.34 9.81 -8.53
C LEU A 264 -10.44 8.78 -8.76
N ILE A 265 -11.31 9.07 -9.72
CA ILE A 265 -12.21 8.06 -10.28
C ILE A 265 -11.69 7.73 -11.67
N THR A 266 -11.27 6.48 -11.85
CA THR A 266 -10.61 6.04 -13.09
C THR A 266 -11.34 6.46 -14.38
N GLU A 267 -10.55 6.63 -15.45
CA GLU A 267 -11.10 6.85 -16.79
C GLU A 267 -11.70 5.55 -17.33
N GLY A 268 -11.37 4.43 -16.68
CA GLY A 268 -11.94 3.12 -17.01
C GLY A 268 -13.44 3.06 -16.78
N CYS A 269 -13.97 4.02 -16.03
CA CYS A 269 -15.41 4.20 -15.85
C CYS A 269 -16.06 4.49 -17.20
N ARG A 270 -15.50 5.46 -17.91
CA ARG A 270 -15.91 5.80 -19.27
C ARG A 270 -15.60 4.67 -20.26
N GLY A 271 -14.42 4.07 -20.10
CA GLY A 271 -13.99 2.94 -20.92
C GLY A 271 -14.93 1.74 -20.88
N GLU A 272 -15.64 1.59 -19.76
CA GLU A 272 -16.61 0.51 -19.59
C GLU A 272 -18.03 0.93 -19.97
N GLY A 273 -18.18 2.20 -20.37
CA GLY A 273 -19.47 2.70 -20.83
C GLY A 273 -20.08 3.79 -19.97
N GLY A 274 -19.31 4.27 -18.99
CA GLY A 274 -19.74 5.36 -18.11
C GLY A 274 -19.84 6.68 -18.86
N ILE A 275 -20.89 7.44 -18.54
CA ILE A 275 -21.22 8.67 -19.25
C ILE A 275 -21.03 9.90 -18.35
N LEU A 276 -20.79 11.06 -18.95
CA LEU A 276 -20.70 12.32 -18.19
C LEU A 276 -21.89 13.25 -18.48
N ILE A 277 -22.55 13.68 -17.39
CA ILE A 277 -23.81 14.43 -17.45
C ILE A 277 -23.74 15.74 -16.64
N ASN A 278 -24.22 16.82 -17.25
CA ASN A 278 -24.29 18.13 -16.59
C ASN A 278 -25.66 18.38 -15.92
N SER A 279 -25.83 19.53 -15.28
CA SER A 279 -27.06 19.86 -14.55
C SER A 279 -28.32 19.84 -15.42
N GLN A 280 -28.16 20.19 -16.68
CA GLN A 280 -29.26 20.17 -17.65
C GLN A 280 -29.62 18.73 -18.08
N GLY A 281 -28.71 17.80 -17.83
CA GLY A 281 -28.96 16.37 -18.09
C GLY A 281 -28.35 15.82 -19.37
N GLU A 282 -27.82 16.73 -20.19
CA GLU A 282 -27.24 16.38 -21.49
C GLU A 282 -25.95 15.55 -21.38
N ARG A 283 -25.77 14.62 -22.31
CA ARG A 283 -24.46 13.98 -22.52
C ARG A 283 -23.62 14.97 -23.32
N PHE A 284 -23.06 15.96 -22.62
CA PHE A 284 -22.34 17.06 -23.26
C PHE A 284 -21.09 16.59 -24.02
N MET A 285 -20.58 15.43 -23.66
CA MET A 285 -19.51 14.78 -24.41
C MET A 285 -20.09 13.98 -25.58
N GLU A 286 -20.72 14.71 -26.51
CA GLU A 286 -21.40 14.13 -27.67
C GLU A 286 -21.60 15.27 -28.67
N ARG A 287 -21.60 16.48 -28.14
CA ARG A 287 -21.68 17.71 -28.92
C ARG A 287 -20.35 18.45 -28.87
N TYR A 288 -19.63 18.31 -27.75
CA TYR A 288 -18.27 18.83 -27.61
C TYR A 288 -17.25 18.02 -28.42
N ALA A 289 -17.50 16.71 -28.54
CA ALA A 289 -16.62 15.81 -29.30
C ALA A 289 -17.41 14.66 -29.95
N PRO A 290 -18.00 14.93 -31.14
CA PRO A 290 -18.94 14.00 -31.81
C PRO A 290 -18.46 12.56 -31.98
N VAL A 291 -17.24 12.38 -32.46
CA VAL A 291 -16.74 11.03 -32.82
C VAL A 291 -16.38 10.18 -31.59
N ALA A 292 -15.32 10.58 -30.89
CA ALA A 292 -14.80 9.83 -29.74
C ALA A 292 -15.71 9.91 -28.51
N LYS A 293 -16.50 10.97 -28.43
CA LYS A 293 -17.49 11.19 -27.35
C LYS A 293 -16.89 11.27 -25.94
N ASP A 294 -17.44 10.49 -25.01
CA ASP A 294 -16.99 10.47 -23.61
C ASP A 294 -15.58 9.90 -23.46
N LEU A 295 -15.20 9.05 -24.40
CA LEU A 295 -13.88 8.41 -24.38
C LEU A 295 -12.88 9.14 -25.29
N ALA A 296 -12.79 10.46 -25.12
CA ALA A 296 -11.87 11.29 -25.89
C ALA A 296 -10.58 11.57 -25.10
N SER A 297 -9.81 12.56 -25.54
CA SER A 297 -8.56 12.93 -24.87
C SER A 297 -8.78 13.65 -23.55
N ARG A 298 -7.80 13.53 -22.66
CA ARG A 298 -7.86 14.14 -21.32
C ARG A 298 -8.12 15.64 -21.38
N ASP A 299 -7.30 16.35 -22.13
CA ASP A 299 -7.38 17.81 -22.26
C ASP A 299 -8.68 18.31 -22.88
N VAL A 300 -9.17 17.61 -23.89
CA VAL A 300 -10.42 17.95 -24.56
C VAL A 300 -11.62 17.73 -23.64
N VAL A 301 -11.65 16.60 -22.95
CA VAL A 301 -12.75 16.25 -22.04
C VAL A 301 -12.82 17.24 -20.88
N SER A 302 -11.68 17.43 -20.20
CA SER A 302 -11.62 18.36 -19.06
C SER A 302 -11.87 19.80 -19.51
N ARG A 303 -11.44 20.14 -20.72
CA ARG A 303 -11.70 21.44 -21.35
C ARG A 303 -13.21 21.65 -21.49
N SER A 304 -13.91 20.60 -21.90
CA SER A 304 -15.36 20.61 -22.06
C SER A 304 -16.05 20.76 -20.71
N MET A 305 -15.61 19.98 -19.74
CA MET A 305 -16.16 20.00 -18.38
C MET A 305 -16.01 21.39 -17.77
N THR A 306 -14.78 21.88 -17.74
CA THR A 306 -14.47 23.17 -17.15
C THR A 306 -15.16 24.31 -17.92
N LEU A 307 -15.43 24.06 -19.20
CA LEU A 307 -16.15 25.01 -20.05
C LEU A 307 -17.65 24.97 -19.74
N GLU A 308 -18.15 23.80 -19.35
CA GLU A 308 -19.56 23.61 -19.00
C GLU A 308 -19.96 24.35 -17.72
N ILE A 309 -18.99 24.51 -16.82
CA ILE A 309 -19.20 25.24 -15.58
C ILE A 309 -19.19 26.76 -15.85
N ARG A 310 -18.43 27.17 -16.86
CA ARG A 310 -18.42 28.57 -17.31
C ARG A 310 -19.82 29.02 -17.75
N GLU A 311 -20.53 28.15 -18.46
CA GLU A 311 -21.87 28.43 -18.99
C GLU A 311 -22.88 28.65 -17.86
N GLY A 312 -22.67 27.95 -16.76
CA GLY A 312 -23.58 28.00 -15.62
C GLY A 312 -24.29 26.67 -15.41
N ARG A 313 -24.16 25.77 -16.39
CA ARG A 313 -24.79 24.44 -16.33
C ARG A 313 -24.00 23.43 -15.50
N GLY A 314 -23.64 23.82 -14.28
CA GLY A 314 -22.97 22.93 -13.33
C GLY A 314 -23.89 22.41 -12.25
N CYS A 315 -23.45 21.39 -11.53
CA CYS A 315 -24.26 20.73 -10.50
C CYS A 315 -23.59 20.78 -9.12
N GLY A 316 -24.37 21.12 -8.10
CA GLY A 316 -23.87 21.10 -6.72
C GLY A 316 -24.39 22.19 -5.78
N PRO A 317 -23.67 22.41 -4.66
CA PRO A 317 -24.06 23.41 -3.66
C PRO A 317 -23.57 24.82 -4.00
N GLU A 318 -22.25 25.00 -4.02
CA GLU A 318 -21.61 26.27 -4.36
C GLU A 318 -21.53 26.46 -5.88
N LYS A 319 -22.08 25.48 -6.62
CA LYS A 319 -22.08 25.44 -8.09
C LYS A 319 -20.69 25.33 -8.71
N ASP A 320 -20.09 24.13 -8.62
CA ASP A 320 -18.69 23.95 -9.03
C ASP A 320 -18.24 22.52 -9.38
N HIS A 321 -19.17 21.65 -9.81
CA HIS A 321 -18.78 20.32 -10.31
C HIS A 321 -19.75 19.66 -11.32
N VAL A 322 -19.40 18.46 -11.77
CA VAL A 322 -20.15 17.71 -12.78
C VAL A 322 -20.44 16.27 -12.30
N TYR A 323 -21.27 15.53 -13.03
CA TYR A 323 -21.71 14.20 -12.64
C TYR A 323 -21.27 13.08 -13.59
N LEU A 324 -20.47 12.15 -13.08
CA LEU A 324 -20.08 10.93 -13.79
C LEU A 324 -21.12 9.86 -13.48
N GLN A 325 -21.77 9.34 -14.52
CA GLN A 325 -22.85 8.36 -14.37
C GLN A 325 -22.37 6.93 -14.63
N LEU A 326 -22.87 5.98 -13.84
CA LEU A 326 -22.46 4.57 -13.93
C LEU A 326 -23.62 3.59 -13.73
N HIS A 327 -24.74 4.07 -13.19
CA HIS A 327 -25.85 3.21 -12.73
C HIS A 327 -26.56 2.38 -13.81
N HIS A 328 -26.53 2.85 -15.06
CA HIS A 328 -27.17 2.13 -16.17
C HIS A 328 -26.44 0.86 -16.59
N LEU A 329 -25.14 0.79 -16.24
CA LEU A 329 -24.33 -0.39 -16.50
C LEU A 329 -24.78 -1.55 -15.61
N PRO A 330 -24.78 -2.78 -16.15
CA PRO A 330 -25.03 -3.97 -15.32
C PRO A 330 -24.19 -3.92 -14.05
N PRO A 331 -24.84 -3.94 -12.87
CA PRO A 331 -24.14 -3.87 -11.58
C PRO A 331 -23.13 -5.00 -11.39
N GLU A 332 -23.41 -6.14 -12.01
CA GLU A 332 -22.52 -7.29 -12.03
C GLU A 332 -21.19 -6.93 -12.71
N GLN A 333 -21.29 -6.23 -13.84
CA GLN A 333 -20.13 -5.70 -14.55
C GLN A 333 -19.36 -4.71 -13.68
N LEU A 334 -20.09 -3.80 -13.04
CA LEU A 334 -19.51 -2.82 -12.13
C LEU A 334 -18.75 -3.46 -10.96
N ALA A 335 -19.11 -4.70 -10.63
CA ALA A 335 -18.49 -5.44 -9.54
C ALA A 335 -17.17 -6.09 -9.93
N VAL A 336 -17.07 -6.53 -11.19
CA VAL A 336 -15.86 -7.19 -11.68
C VAL A 336 -14.85 -6.17 -12.22
N ARG A 337 -15.35 -5.18 -12.96
CA ARG A 337 -14.48 -4.22 -13.63
C ARG A 337 -14.06 -3.05 -12.75
N LEU A 338 -14.99 -2.57 -11.92
CA LEU A 338 -14.76 -1.36 -11.12
C LEU A 338 -15.06 -1.52 -9.62
N PRO A 339 -14.34 -2.43 -8.93
CA PRO A 339 -14.56 -2.59 -7.47
C PRO A 339 -13.91 -1.50 -6.60
N GLY A 340 -12.73 -1.03 -7.00
CA GLY A 340 -11.95 -0.06 -6.25
C GLY A 340 -12.58 1.32 -6.14
N ILE A 341 -13.19 1.78 -7.23
CA ILE A 341 -13.89 3.07 -7.22
C ILE A 341 -15.20 3.03 -6.42
N SER A 342 -15.82 1.85 -6.36
CA SER A 342 -17.08 1.67 -5.64
C SER A 342 -16.95 1.95 -4.15
N GLU A 343 -15.84 1.51 -3.55
CA GLU A 343 -15.55 1.80 -2.15
C GLU A 343 -15.37 3.31 -1.96
N THR A 344 -14.46 3.89 -2.74
CA THR A 344 -14.09 5.31 -2.61
C THR A 344 -15.21 6.27 -2.99
N ALA A 345 -16.02 5.90 -3.97
CA ALA A 345 -17.22 6.67 -4.35
C ALA A 345 -18.18 6.76 -3.18
N MET A 346 -18.32 5.64 -2.47
CA MET A 346 -19.03 5.61 -1.21
C MET A 346 -18.24 6.38 -0.14
N ILE A 347 -17.16 5.76 0.36
CA ILE A 347 -16.35 6.30 1.46
C ILE A 347 -16.16 7.82 1.41
N PHE A 348 -15.78 8.35 0.25
CA PHE A 348 -15.45 9.77 0.15
C PHE A 348 -16.59 10.64 -0.38
N ALA A 349 -17.68 10.02 -0.84
CA ALA A 349 -18.80 10.80 -1.36
C ALA A 349 -20.18 10.29 -0.93
N GLY A 350 -20.19 9.17 -0.21
CA GLY A 350 -21.45 8.55 0.23
C GLY A 350 -22.35 8.27 -0.96
N VAL A 351 -21.76 7.66 -1.99
CA VAL A 351 -22.47 7.40 -3.24
C VAL A 351 -22.47 5.90 -3.53
N ASP A 352 -23.66 5.38 -3.83
CA ASP A 352 -23.80 4.03 -4.32
C ASP A 352 -23.64 4.03 -5.84
N VAL A 353 -22.55 3.45 -6.31
CA VAL A 353 -22.22 3.41 -7.75
C VAL A 353 -23.37 2.88 -8.61
N THR A 354 -24.03 1.83 -8.12
CA THR A 354 -25.11 1.17 -8.87
C THR A 354 -26.47 1.90 -8.80
N LYS A 355 -26.50 3.06 -8.16
CA LYS A 355 -27.71 3.88 -8.06
C LYS A 355 -27.55 5.34 -8.54
N GLU A 356 -26.55 6.03 -8.01
CA GLU A 356 -26.39 7.48 -8.22
C GLU A 356 -25.08 7.89 -8.94
N PRO A 357 -25.09 9.04 -9.65
CA PRO A 357 -23.90 9.51 -10.37
C PRO A 357 -22.85 10.18 -9.49
N ILE A 358 -21.59 9.74 -9.63
CA ILE A 358 -20.46 10.28 -8.86
C ILE A 358 -20.23 11.77 -9.18
N PRO A 359 -19.97 12.60 -8.13
CA PRO A 359 -19.64 14.02 -8.37
C PRO A 359 -18.14 14.24 -8.68
N VAL A 360 -17.83 14.63 -9.91
CA VAL A 360 -16.44 14.77 -10.37
C VAL A 360 -16.07 16.20 -10.81
N LEU A 361 -14.77 16.47 -10.87
CA LEU A 361 -14.23 17.78 -11.24
C LEU A 361 -12.82 17.62 -11.85
N PRO A 362 -12.53 18.32 -12.96
CA PRO A 362 -11.17 18.29 -13.51
C PRO A 362 -10.14 18.75 -12.48
N THR A 363 -9.26 17.85 -12.08
CA THR A 363 -8.24 18.16 -11.09
C THR A 363 -6.87 17.67 -11.54
N VAL A 364 -5.82 18.39 -11.12
CA VAL A 364 -4.43 18.05 -11.44
C VAL A 364 -4.15 16.56 -11.20
N HIS A 365 -3.48 15.93 -12.15
CA HIS A 365 -3.28 14.48 -12.14
C HIS A 365 -1.83 14.07 -12.47
N TYR A 366 -1.35 14.47 -13.65
CA TYR A 366 -0.08 14.01 -14.17
C TYR A 366 0.84 15.14 -14.63
N ASN A 367 2.15 14.95 -14.43
CA ASN A 367 3.16 15.89 -14.92
C ASN A 367 3.97 15.34 -16.09
N MET A 368 3.52 15.61 -17.33
CA MET A 368 4.30 15.25 -18.51
C MET A 368 5.65 15.96 -18.58
N GLY A 369 5.72 17.16 -17.97
CA GLY A 369 7.00 17.83 -17.77
C GLY A 369 7.90 17.06 -16.83
N GLY A 370 9.20 17.32 -16.90
CA GLY A 370 10.17 16.67 -16.03
C GLY A 370 11.59 16.90 -16.52
N ILE A 371 12.48 15.99 -16.15
CA ILE A 371 13.88 16.03 -16.57
C ILE A 371 14.02 15.56 -18.03
N PRO A 372 14.65 16.38 -18.90
CA PRO A 372 14.87 15.99 -20.29
C PRO A 372 15.68 14.70 -20.45
N THR A 373 15.23 13.84 -21.35
CA THR A 373 15.75 12.51 -21.47
C THR A 373 15.85 12.02 -22.91
N ASN A 374 16.95 11.31 -23.17
CA ASN A 374 17.10 10.31 -24.22
C ASN A 374 15.89 9.40 -24.39
N TYR A 375 15.85 8.62 -25.47
CA TYR A 375 14.95 7.45 -25.51
C TYR A 375 15.63 6.30 -24.76
N LYS A 376 16.91 6.49 -24.45
CA LYS A 376 17.72 5.52 -23.70
C LYS A 376 17.67 5.76 -22.19
N GLY A 377 17.00 6.81 -21.77
CA GLY A 377 16.91 7.13 -20.35
C GLY A 377 17.92 8.15 -19.85
N GLN A 378 18.88 8.51 -20.70
CA GLN A 378 19.96 9.43 -20.31
C GLN A 378 19.48 10.87 -20.27
N VAL A 379 19.85 11.56 -19.20
CA VAL A 379 19.46 12.95 -18.97
C VAL A 379 20.20 13.90 -19.91
N LEU A 380 19.44 14.78 -20.53
CA LEU A 380 20.00 15.71 -21.49
C LEU A 380 20.18 17.10 -20.91
N ARG A 381 21.29 17.73 -21.26
CA ARG A 381 21.48 19.16 -21.07
C ARG A 381 21.43 19.81 -22.44
N HIS A 382 21.52 21.13 -22.49
CA HIS A 382 21.41 21.86 -23.76
C HIS A 382 22.63 22.73 -24.00
N VAL A 383 23.45 22.33 -24.96
CA VAL A 383 24.71 22.99 -25.22
C VAL A 383 24.73 23.40 -26.68
N ASN A 384 24.81 24.70 -26.91
CA ASN A 384 24.94 25.25 -28.26
C ASN A 384 23.78 24.81 -29.16
N GLY A 385 22.56 25.05 -28.69
CA GLY A 385 21.35 24.64 -29.42
C GLY A 385 21.26 23.16 -29.72
N GLN A 386 22.00 22.36 -28.96
CA GLN A 386 22.09 20.92 -29.21
C GLN A 386 22.05 20.08 -27.95
N ASP A 387 21.68 18.82 -28.11
CA ASP A 387 21.60 17.87 -27.00
C ASP A 387 22.96 17.32 -26.59
N GLN A 388 23.18 17.24 -25.28
CA GLN A 388 24.41 16.66 -24.72
C GLN A 388 24.07 15.78 -23.52
N VAL A 389 24.46 14.52 -23.60
CA VAL A 389 24.19 13.54 -22.55
C VAL A 389 25.01 13.87 -21.31
N VAL A 390 24.33 13.93 -20.16
CA VAL A 390 24.97 14.22 -18.89
C VAL A 390 25.54 12.91 -18.36
N PRO A 391 26.88 12.79 -18.27
CA PRO A 391 27.55 11.56 -17.88
C PRO A 391 27.09 11.01 -16.53
N GLY A 392 26.74 9.73 -16.52
CA GLY A 392 26.37 9.01 -15.29
C GLY A 392 25.02 9.37 -14.69
N LEU A 393 24.12 9.94 -15.50
CA LEU A 393 22.83 10.41 -15.00
C LEU A 393 21.67 10.02 -15.89
N TYR A 394 20.66 9.38 -15.29
CA TYR A 394 19.46 8.91 -15.98
C TYR A 394 18.19 9.35 -15.25
N ALA A 395 17.06 9.27 -15.96
CA ALA A 395 15.74 9.55 -15.38
C ALA A 395 14.68 8.72 -16.09
N CYS A 396 13.64 8.32 -15.35
CA CYS A 396 12.53 7.54 -15.93
C CYS A 396 11.23 7.69 -15.13
N GLY A 397 10.09 7.46 -15.79
CA GLY A 397 8.79 7.66 -15.15
C GLY A 397 8.33 9.10 -15.22
N GLU A 398 7.37 9.46 -14.37
CA GLU A 398 6.74 10.79 -14.38
C GLU A 398 7.73 11.95 -14.11
N ALA A 399 8.76 11.65 -13.31
CA ALA A 399 9.85 12.57 -13.03
C ALA A 399 10.65 12.90 -14.28
N ALA A 400 10.63 11.97 -15.24
CA ALA A 400 11.40 12.12 -16.46
C ALA A 400 10.59 12.79 -17.56
N CYS A 401 11.30 13.30 -18.55
CA CYS A 401 10.68 13.76 -19.77
C CYS A 401 11.55 13.36 -20.97
N ALA A 402 11.31 12.14 -21.44
CA ALA A 402 11.72 11.72 -22.78
C ALA A 402 10.61 12.19 -23.70
N SER A 403 9.65 12.88 -23.08
CA SER A 403 8.35 13.25 -23.63
C SER A 403 7.78 12.25 -24.62
N VAL A 404 7.53 11.05 -24.12
CA VAL A 404 6.76 10.05 -24.83
C VAL A 404 5.27 10.45 -24.77
N HIS A 405 4.96 11.44 -23.95
CA HIS A 405 3.59 11.90 -23.69
C HIS A 405 3.30 13.26 -24.30
N GLY A 406 4.37 14.01 -24.59
CA GLY A 406 4.27 15.31 -25.26
C GLY A 406 3.51 16.36 -24.48
N ALA A 407 2.48 16.92 -25.14
CA ALA A 407 1.66 18.02 -24.61
C ALA A 407 0.43 17.52 -23.87
N ASN A 408 0.16 16.22 -24.04
CA ASN A 408 -0.96 15.58 -23.38
C ASN A 408 -0.78 14.06 -23.33
N ARG A 409 -0.68 13.53 -22.11
CA ARG A 409 -0.47 12.10 -21.92
C ARG A 409 -1.73 11.28 -22.12
N LEU A 410 -1.58 10.15 -22.81
CA LEU A 410 -2.68 9.25 -23.10
C LEU A 410 -2.97 8.33 -21.91
N GLY A 411 -4.25 8.16 -21.59
CA GLY A 411 -4.66 7.29 -20.49
C GLY A 411 -4.06 5.89 -20.57
N ALA A 412 -3.52 5.42 -19.44
CA ALA A 412 -2.89 4.10 -19.33
C ALA A 412 -1.48 4.02 -19.96
N ASN A 413 -0.89 5.17 -20.26
CA ASN A 413 0.45 5.23 -20.81
C ASN A 413 1.57 5.46 -19.80
N SER A 414 1.23 5.98 -18.61
CA SER A 414 2.26 6.26 -17.58
C SER A 414 2.83 5.00 -16.95
N LEU A 415 1.95 4.06 -16.60
CA LEU A 415 2.40 2.79 -16.07
C LEU A 415 3.28 2.09 -17.10
N LEU A 416 2.93 2.24 -18.37
CA LEU A 416 3.73 1.71 -19.46
C LEU A 416 5.09 2.41 -19.54
N ASP A 417 5.04 3.74 -19.46
CA ASP A 417 6.21 4.60 -19.42
C ASP A 417 7.16 4.10 -18.33
N LEU A 418 6.59 3.88 -17.15
CA LEU A 418 7.35 3.44 -15.99
C LEU A 418 8.23 2.24 -16.29
N VAL A 419 7.61 1.13 -16.69
CA VAL A 419 8.29 -0.16 -16.80
C VAL A 419 9.21 -0.20 -18.02
N VAL A 420 8.78 0.46 -19.10
CA VAL A 420 9.54 0.51 -20.33
C VAL A 420 10.92 1.12 -20.12
N PHE A 421 10.93 2.31 -19.52
CA PHE A 421 12.14 3.12 -19.42
C PHE A 421 12.91 2.82 -18.15
N GLY A 422 12.20 2.33 -17.14
CA GLY A 422 12.86 1.68 -16.01
C GLY A 422 13.84 0.67 -16.58
N ARG A 423 13.33 -0.21 -17.45
CA ARG A 423 14.13 -1.20 -18.16
C ARG A 423 15.16 -0.55 -19.07
N ALA A 424 14.81 0.59 -19.67
CA ALA A 424 15.74 1.27 -20.55
C ALA A 424 16.98 1.72 -19.80
N CYS A 425 16.78 2.40 -18.66
CA CYS A 425 17.89 2.88 -17.85
C CYS A 425 18.74 1.69 -17.43
N ALA A 426 18.08 0.62 -17.01
CA ALA A 426 18.75 -0.63 -16.69
C ALA A 426 19.73 -1.02 -17.79
N LEU A 427 19.22 -1.18 -19.01
CA LEU A 427 19.99 -1.65 -20.17
C LEU A 427 21.06 -0.69 -20.68
N SER A 428 20.77 0.61 -20.66
CA SER A 428 21.70 1.63 -21.10
C SER A 428 22.98 1.54 -20.30
N ILE A 429 22.83 1.31 -19.00
CA ILE A 429 23.97 1.15 -18.09
C ILE A 429 24.64 -0.20 -18.34
N ALA A 430 23.81 -1.24 -18.45
CA ALA A 430 24.26 -2.60 -18.75
C ALA A 430 25.18 -2.66 -19.98
N GLU A 431 24.89 -1.81 -20.97
CA GLU A 431 25.65 -1.78 -22.21
C GLU A 431 26.81 -0.81 -22.18
N SER A 432 26.63 0.30 -21.48
CA SER A 432 27.64 1.36 -21.47
C SER A 432 28.86 1.03 -20.59
N CYS A 433 28.68 0.17 -19.60
CA CYS A 433 29.78 -0.17 -18.68
C CYS A 433 29.65 -1.56 -18.06
N ARG A 434 30.61 -1.91 -17.20
CA ARG A 434 30.64 -3.19 -16.50
C ARG A 434 30.44 -3.01 -14.98
N PRO A 435 29.88 -4.03 -14.31
CA PRO A 435 29.90 -4.03 -12.85
C PRO A 435 31.34 -4.09 -12.34
N GLY A 436 31.61 -3.43 -11.22
CA GLY A 436 32.95 -3.35 -10.67
C GLY A 436 33.87 -2.35 -11.37
N ASP A 437 33.31 -1.61 -12.33
CA ASP A 437 34.05 -0.55 -13.02
C ASP A 437 34.40 0.58 -12.06
N LYS A 438 35.42 1.36 -12.44
CA LYS A 438 35.98 2.41 -11.59
C LYS A 438 34.91 3.42 -11.19
N VAL A 439 34.44 3.30 -9.96
CA VAL A 439 33.45 4.22 -9.40
C VAL A 439 34.16 5.53 -9.06
N PRO A 440 33.72 6.64 -9.68
CA PRO A 440 34.51 7.87 -9.64
C PRO A 440 34.53 8.48 -8.26
N SER A 441 35.65 9.11 -7.92
CA SER A 441 35.84 9.71 -6.60
C SER A 441 35.02 10.99 -6.40
N ILE A 442 35.03 11.49 -5.16
CA ILE A 442 34.29 12.69 -4.81
C ILE A 442 35.08 13.51 -3.76
N LYS A 443 34.92 14.83 -3.79
CA LYS A 443 35.59 15.73 -2.85
C LYS A 443 35.15 15.44 -1.41
N PRO A 444 36.10 15.53 -0.45
CA PRO A 444 35.76 15.45 0.97
C PRO A 444 34.76 16.53 1.39
N ASN A 445 34.62 17.55 0.55
CA ASN A 445 33.77 18.69 0.86
C ASN A 445 32.38 18.57 0.24
N ALA A 446 32.18 17.53 -0.56
CA ALA A 446 31.01 17.44 -1.43
C ALA A 446 29.69 17.26 -0.68
N GLY A 447 28.66 17.97 -1.12
CA GLY A 447 27.33 17.90 -0.52
C GLY A 447 27.16 18.77 0.70
N GLU A 448 28.23 19.48 1.06
CA GLU A 448 28.26 20.37 2.23
C GLU A 448 27.16 21.42 2.17
N GLU A 449 26.77 21.77 0.95
CA GLU A 449 25.73 22.76 0.69
C GLU A 449 24.37 22.27 1.14
N SER A 450 24.12 20.97 0.96
CA SER A 450 22.85 20.34 1.30
C SER A 450 22.68 20.23 2.82
N VAL A 451 23.72 19.70 3.47
CA VAL A 451 23.82 19.61 4.93
C VAL A 451 23.61 20.98 5.60
N MET A 452 24.18 22.02 5.00
CA MET A 452 24.02 23.42 5.46
C MET A 452 22.60 23.95 5.32
N ASN A 453 21.99 23.72 4.17
CA ASN A 453 20.61 24.13 3.93
C ASN A 453 19.64 23.35 4.79
N LEU A 454 20.01 22.10 5.07
CA LEU A 454 19.29 21.22 5.97
C LEU A 454 19.26 21.85 7.36
N ASP A 455 20.46 22.03 7.92
CA ASP A 455 20.66 22.61 9.25
C ASP A 455 20.01 23.98 9.43
N LYS A 456 20.06 24.78 8.37
CA LYS A 456 19.41 26.10 8.33
C LYS A 456 17.90 25.96 8.52
N LEU A 457 17.29 25.07 7.73
CA LEU A 457 15.85 24.80 7.77
C LEU A 457 15.42 24.16 9.08
N ARG A 458 16.32 23.37 9.65
CA ARG A 458 16.09 22.57 10.85
C ARG A 458 15.83 23.45 12.08
N PHE A 459 16.53 24.58 12.14
CA PHE A 459 16.43 25.51 13.26
C PHE A 459 15.72 26.83 12.91
N ALA A 460 14.94 26.83 11.84
CA ALA A 460 14.33 28.04 11.29
C ALA A 460 13.38 28.74 12.25
N ASN A 461 13.70 30.02 12.52
CA ASN A 461 12.93 30.88 13.43
C ASN A 461 12.14 32.00 12.74
N GLY A 462 11.75 31.76 11.49
CA GLY A 462 11.14 32.80 10.65
C GLY A 462 9.75 33.25 11.03
N THR A 463 9.09 33.93 10.11
CA THR A 463 7.78 34.55 10.37
C THR A 463 6.58 33.76 9.81
N ILE A 464 6.83 32.85 8.85
CA ILE A 464 5.76 32.09 8.19
C ILE A 464 5.88 30.58 8.36
N ARG A 465 4.76 29.91 8.62
CA ARG A 465 4.72 28.45 8.74
C ARG A 465 4.89 27.78 7.38
N THR A 466 5.65 26.68 7.37
CA THR A 466 5.78 25.84 6.19
C THR A 466 4.41 25.58 5.59
N SER A 467 3.46 25.20 6.44
CA SER A 467 2.10 24.93 6.03
C SER A 467 1.43 26.13 5.35
N GLU A 468 1.68 27.32 5.88
CA GLU A 468 1.04 28.55 5.39
C GLU A 468 1.56 28.99 4.03
N LEU A 469 2.87 28.84 3.83
CA LEU A 469 3.51 29.20 2.57
C LEU A 469 3.16 28.19 1.47
N ARG A 470 3.16 26.91 1.82
CA ARG A 470 2.71 25.86 0.92
C ARG A 470 1.29 26.12 0.43
N LEU A 471 0.42 26.61 1.32
CA LEU A 471 -0.97 26.90 0.96
C LEU A 471 -1.09 28.10 0.03
N SER A 472 -0.20 29.08 0.20
CA SER A 472 -0.13 30.24 -0.68
C SER A 472 0.22 29.80 -2.10
N MET A 473 1.29 29.02 -2.22
CA MET A 473 1.76 28.46 -3.48
C MET A 473 0.65 27.68 -4.20
N GLN A 474 -0.01 26.80 -3.46
CA GLN A 474 -1.03 25.92 -4.02
C GLN A 474 -2.25 26.66 -4.54
N LYS A 475 -2.75 27.62 -3.76
CA LYS A 475 -3.93 28.39 -4.17
C LYS A 475 -3.61 29.38 -5.27
N SER A 476 -2.36 29.86 -5.30
CA SER A 476 -1.88 30.72 -6.38
C SER A 476 -1.87 29.96 -7.71
N MET A 477 -1.21 28.80 -7.71
CA MET A 477 -1.13 27.96 -8.90
C MET A 477 -2.51 27.58 -9.39
N GLN A 478 -3.43 27.36 -8.45
CA GLN A 478 -4.79 26.93 -8.77
C GLN A 478 -5.59 28.01 -9.51
N SER A 479 -5.36 29.27 -9.12
CA SER A 479 -6.12 30.38 -9.67
C SER A 479 -5.41 31.07 -10.83
N HIS A 480 -4.16 30.72 -11.07
CA HIS A 480 -3.34 31.36 -12.11
C HIS A 480 -2.76 30.40 -13.15
N ALA A 481 -2.87 29.09 -12.91
CA ALA A 481 -2.37 28.08 -13.84
C ALA A 481 -3.32 26.89 -13.96
N ALA A 482 -4.60 27.19 -14.21
CA ALA A 482 -5.64 26.19 -14.32
C ALA A 482 -5.79 25.66 -15.75
N VAL A 483 -6.96 25.06 -16.04
CA VAL A 483 -7.25 24.48 -17.35
C VAL A 483 -7.27 25.54 -18.46
N PHE A 484 -7.65 26.77 -18.09
CA PHE A 484 -7.60 27.91 -19.00
C PHE A 484 -6.66 28.98 -18.49
N ARG A 485 -5.93 29.59 -19.40
CA ARG A 485 -4.84 30.50 -19.04
C ARG A 485 -4.84 31.76 -19.90
N VAL A 486 -4.45 32.88 -19.28
CA VAL A 486 -4.20 34.15 -19.98
C VAL A 486 -3.00 34.85 -19.38
N GLY A 487 -2.26 35.56 -20.24
CA GLY A 487 -1.03 36.26 -19.85
C GLY A 487 -1.17 37.24 -18.69
N SER A 488 -2.35 37.83 -18.56
CA SER A 488 -2.66 38.80 -17.50
C SER A 488 -2.62 38.11 -16.13
N VAL A 489 -3.41 37.03 -16.02
CA VAL A 489 -3.48 36.22 -14.82
C VAL A 489 -2.16 35.48 -14.58
N LEU A 490 -1.55 34.98 -15.66
CA LEU A 490 -0.28 34.27 -15.59
C LEU A 490 0.87 35.14 -15.07
N GLN A 491 0.96 36.38 -15.56
CA GLN A 491 2.01 37.30 -15.12
C GLN A 491 1.83 37.68 -13.65
N GLU A 492 0.59 37.90 -13.25
CA GLU A 492 0.27 38.12 -11.84
C GLU A 492 0.64 36.87 -11.04
N GLY A 493 0.35 35.70 -11.61
CA GLY A 493 0.70 34.41 -11.03
C GLY A 493 2.20 34.22 -10.89
N CYS A 494 2.95 34.67 -11.90
CA CYS A 494 4.41 34.59 -11.90
C CYS A 494 5.01 35.35 -10.73
N GLU A 495 4.76 36.66 -10.69
CA GLU A 495 5.28 37.52 -9.63
C GLU A 495 4.79 37.07 -8.25
N LYS A 496 3.58 36.52 -8.24
CA LYS A 496 2.99 35.95 -7.03
C LYS A 496 3.91 34.87 -6.47
N ILE A 497 4.24 33.88 -7.30
CA ILE A 497 5.12 32.76 -6.95
C ILE A 497 6.56 33.22 -6.62
N LEU A 498 7.11 34.11 -7.44
CA LEU A 498 8.46 34.65 -7.20
C LEU A 498 8.53 35.42 -5.88
N ARG A 499 7.43 36.07 -5.50
CA ARG A 499 7.32 36.74 -4.21
C ARG A 499 7.44 35.71 -3.09
N LEU A 500 6.65 34.63 -3.21
CA LEU A 500 6.63 33.56 -2.21
C LEU A 500 7.98 32.86 -2.10
N TYR A 501 8.70 32.78 -3.22
CA TYR A 501 10.04 32.22 -3.23
C TYR A 501 10.97 33.01 -2.29
N GLY A 502 10.74 34.32 -2.21
CA GLY A 502 11.51 35.18 -1.32
C GLY A 502 11.25 34.87 0.14
N ASP A 503 10.01 34.52 0.43
CA ASP A 503 9.55 34.21 1.79
C ASP A 503 10.19 32.94 2.37
N LEU A 504 10.94 32.22 1.54
CA LEU A 504 11.60 30.98 1.97
C LEU A 504 12.72 31.22 3.00
N GLN A 505 13.08 32.47 3.21
CA GLN A 505 13.98 32.81 4.32
C GLN A 505 13.24 33.43 5.50
N HIS A 506 11.92 33.43 5.40
CA HIS A 506 11.05 33.92 6.45
C HIS A 506 10.17 32.79 7.00
N LEU A 507 10.69 31.56 7.03
CA LEU A 507 9.86 30.42 7.44
C LEU A 507 10.13 29.86 8.83
N LYS A 508 9.04 29.55 9.53
CA LYS A 508 9.11 29.01 10.88
C LYS A 508 8.96 27.48 10.90
N THR A 509 9.92 26.84 11.56
CA THR A 509 9.86 25.42 11.90
C THR A 509 9.87 25.29 13.44
N PHE A 510 9.28 24.21 13.95
CA PHE A 510 9.22 23.97 15.40
C PHE A 510 10.02 22.76 15.85
N ASP A 511 9.86 21.64 15.14
CA ASP A 511 10.56 20.40 15.48
C ASP A 511 12.06 20.53 15.21
N ARG A 512 12.85 20.26 16.25
CA ARG A 512 14.30 20.39 16.17
C ARG A 512 15.02 19.08 16.50
N GLY A 513 14.32 17.96 16.28
CA GLY A 513 14.85 16.63 16.54
C GLY A 513 15.51 16.01 15.33
N MET A 514 16.33 15.00 15.58
CA MET A 514 17.02 14.25 14.53
C MET A 514 16.14 13.17 13.92
N VAL A 515 15.47 12.42 14.79
CA VAL A 515 14.67 11.27 14.40
C VAL A 515 13.33 11.73 13.84
N TRP A 516 13.01 11.21 12.64
CA TRP A 516 11.72 11.45 11.99
C TRP A 516 11.19 12.87 12.10
N ASN A 517 12.01 13.82 11.65
CA ASN A 517 11.65 15.22 11.68
C ASN A 517 10.79 15.59 10.48
N THR A 518 9.54 15.14 10.50
CA THR A 518 8.59 15.39 9.41
C THR A 518 8.32 16.86 9.16
N ASP A 519 8.63 17.68 10.16
CA ASP A 519 8.54 19.13 10.04
C ASP A 519 9.57 19.59 9.03
N LEU A 520 10.81 19.16 9.25
CA LEU A 520 11.96 19.55 8.44
C LEU A 520 11.83 19.14 6.99
N VAL A 521 11.40 17.90 6.76
CA VAL A 521 11.34 17.33 5.41
C VAL A 521 10.19 17.92 4.60
N GLU A 522 9.03 18.13 5.22
CA GLU A 522 7.91 18.75 4.52
C GLU A 522 8.24 20.18 4.11
N THR A 523 9.36 20.69 4.62
CA THR A 523 9.91 21.99 4.25
C THR A 523 10.88 21.85 3.07
N LEU A 524 11.87 20.96 3.19
CA LEU A 524 12.71 20.57 2.06
C LEU A 524 11.83 20.29 0.84
N GLU A 525 10.66 19.69 1.08
CA GLU A 525 9.69 19.43 0.02
C GLU A 525 9.07 20.70 -0.53
N LEU A 526 8.84 21.69 0.33
CA LEU A 526 8.31 22.98 -0.12
C LEU A 526 9.35 23.74 -0.93
N GLN A 527 10.60 23.71 -0.48
CA GLN A 527 11.73 24.17 -1.27
C GLN A 527 11.60 23.53 -2.65
N ASN A 528 11.56 22.19 -2.67
CA ASN A 528 11.45 21.41 -3.91
C ASN A 528 10.26 21.81 -4.76
N LEU A 529 9.08 21.90 -4.14
CA LEU A 529 7.85 22.27 -4.84
C LEU A 529 7.94 23.66 -5.47
N MET A 530 8.54 24.61 -4.74
CA MET A 530 8.71 25.98 -5.24
C MET A 530 9.45 26.01 -6.58
N LEU A 531 10.69 25.52 -6.56
CA LEU A 531 11.49 25.35 -7.77
C LEU A 531 10.66 24.78 -8.93
N CYS A 532 9.79 23.81 -8.64
CA CYS A 532 8.94 23.23 -9.68
C CYS A 532 7.89 24.21 -10.17
N ALA A 533 7.11 24.79 -9.24
CA ALA A 533 6.00 25.68 -9.58
C ALA A 533 6.51 26.94 -10.28
N LEU A 534 7.67 27.38 -9.85
CA LEU A 534 8.32 28.54 -10.44
C LEU A 534 8.48 28.34 -11.94
N GLN A 535 9.06 27.19 -12.31
CA GLN A 535 9.33 26.85 -13.70
C GLN A 535 8.06 26.56 -14.48
N THR A 536 7.09 25.94 -13.83
CA THR A 536 5.80 25.64 -14.43
C THR A 536 5.10 26.92 -14.88
N ILE A 537 4.99 27.88 -13.96
CA ILE A 537 4.22 29.10 -14.19
C ILE A 537 4.91 30.04 -15.19
N TYR A 538 6.23 30.17 -15.06
CA TYR A 538 7.04 30.95 -16.00
C TYR A 538 7.06 30.36 -17.40
N GLY A 539 7.09 29.03 -17.48
CA GLY A 539 7.00 28.33 -18.75
C GLY A 539 5.64 28.56 -19.37
N ALA A 540 4.60 28.51 -18.54
CA ALA A 540 3.22 28.73 -18.98
C ALA A 540 3.03 30.15 -19.50
N GLU A 541 3.66 31.12 -18.82
CA GLU A 541 3.65 32.52 -19.22
C GLU A 541 4.18 32.69 -20.65
N ALA A 542 5.39 32.20 -20.88
CA ALA A 542 6.11 32.36 -22.13
C ALA A 542 5.39 31.73 -23.35
N ARG A 543 4.88 30.51 -23.18
CA ARG A 543 4.23 29.80 -24.29
C ARG A 543 2.93 30.49 -24.70
N LYS A 544 2.92 30.95 -25.95
CA LYS A 544 1.79 31.70 -26.49
C LYS A 544 1.12 30.93 -27.63
N GLU A 545 0.52 29.80 -27.25
CA GLU A 545 -0.24 28.95 -28.15
C GLU A 545 -1.18 28.04 -27.34
N SER A 546 -2.01 27.25 -28.04
CA SER A 546 -2.85 26.27 -27.38
C SER A 546 -2.54 24.86 -27.87
N ARG A 547 -1.64 24.19 -27.16
CA ARG A 547 -1.23 22.82 -27.49
C ARG A 547 -1.47 21.88 -26.31
N GLY A 548 -2.14 20.75 -26.58
CA GLY A 548 -2.41 19.73 -25.58
C GLY A 548 -3.13 20.26 -24.35
N ALA A 549 -2.50 20.05 -23.19
CA ALA A 549 -3.06 20.50 -21.91
C ALA A 549 -3.00 22.02 -21.75
N HIS A 550 -1.96 22.64 -22.32
CA HIS A 550 -1.78 24.08 -22.25
C HIS A 550 -2.76 24.78 -23.20
N ALA A 551 -3.77 25.42 -22.63
CA ALA A 551 -4.73 26.20 -23.41
C ALA A 551 -4.69 27.67 -23.00
N ARG A 552 -4.31 28.52 -23.95
CA ARG A 552 -4.33 29.97 -23.76
C ARG A 552 -5.59 30.55 -24.38
N GLU A 553 -6.30 31.36 -23.61
CA GLU A 553 -7.49 32.06 -24.10
C GLU A 553 -7.09 33.07 -25.18
N ASP A 554 -5.93 33.70 -24.98
CA ASP A 554 -5.41 34.73 -25.87
C ASP A 554 -4.66 34.21 -27.11
N PHE A 555 -4.33 32.93 -27.12
CA PHE A 555 -3.68 32.30 -28.29
C PHE A 555 -4.31 30.94 -28.55
N LYS A 556 -5.55 30.96 -29.01
CA LYS A 556 -6.37 29.76 -29.14
C LYS A 556 -5.79 28.69 -30.07
N GLU A 557 -4.80 29.07 -30.89
CA GLU A 557 -4.32 28.20 -31.97
C GLU A 557 -2.98 27.50 -31.72
N ARG A 558 -2.80 26.39 -32.42
CA ARG A 558 -1.56 25.61 -32.45
C ARG A 558 -0.51 26.29 -33.33
N VAL A 559 0.54 26.84 -32.72
CA VAL A 559 1.60 27.48 -33.49
C VAL A 559 2.72 26.50 -33.87
N ASP A 560 2.61 25.96 -35.10
CA ASP A 560 3.59 25.03 -35.68
C ASP A 560 4.51 25.71 -36.68
N GLU A 561 5.53 24.99 -37.16
CA GLU A 561 6.44 25.48 -38.19
C GLU A 561 5.69 25.74 -39.50
N TYR A 562 4.61 25.00 -39.73
CA TYR A 562 3.71 25.25 -40.84
C TYR A 562 2.28 25.49 -40.34
N ASP A 563 1.35 25.59 -41.28
CA ASP A 563 -0.07 25.55 -41.00
C ASP A 563 -0.59 24.26 -41.62
N TYR A 564 -0.52 23.18 -40.83
CA TYR A 564 -0.81 21.85 -41.33
C TYR A 564 -2.29 21.59 -41.64
N SER A 565 -3.12 22.62 -41.50
CA SER A 565 -4.53 22.57 -41.91
C SER A 565 -4.63 22.56 -43.44
N LYS A 566 -3.93 23.50 -44.08
CA LYS A 566 -3.75 23.51 -45.54
C LYS A 566 -2.51 22.67 -45.93
N PRO A 567 -2.39 22.28 -47.22
CA PRO A 567 -1.29 21.43 -47.66
C PRO A 567 0.09 22.08 -47.54
N ILE A 568 1.07 21.30 -47.14
CA ILE A 568 2.43 21.79 -46.90
C ILE A 568 3.31 21.68 -48.15
N GLN A 569 3.54 22.82 -48.81
CA GLN A 569 4.52 22.93 -49.91
C GLN A 569 4.46 24.32 -50.54
N GLY A 570 3.27 24.72 -50.98
CA GLY A 570 3.03 26.10 -51.43
C GLY A 570 2.98 26.96 -50.18
N GLN A 571 4.06 26.90 -49.41
CA GLN A 571 4.08 27.35 -48.02
C GLN A 571 5.51 27.45 -47.51
N GLN A 572 5.81 28.56 -46.86
CA GLN A 572 7.15 28.80 -46.33
C GLN A 572 7.24 28.49 -44.85
N LYS A 573 8.27 27.71 -44.49
CA LYS A 573 8.49 27.22 -43.13
C LYS A 573 8.93 28.34 -42.20
N LYS A 574 8.34 28.39 -41.00
CA LYS A 574 8.73 29.37 -39.98
C LYS A 574 10.04 28.95 -39.31
N PRO A 575 10.88 29.94 -38.92
CA PRO A 575 12.13 29.62 -38.24
C PRO A 575 11.87 29.16 -36.80
N PHE A 576 12.83 28.41 -36.26
CA PHE A 576 12.71 27.80 -34.93
C PHE A 576 12.13 28.75 -33.87
N GLN A 577 12.83 29.86 -33.62
CA GLN A 577 12.41 30.81 -32.59
C GLN A 577 11.24 31.70 -33.00
N GLU A 578 10.37 31.19 -33.86
CA GLU A 578 9.21 31.95 -34.31
C GLU A 578 7.91 31.14 -34.22
N HIS A 579 8.03 29.82 -34.29
CA HIS A 579 6.90 28.93 -34.02
C HIS A 579 7.01 28.34 -32.60
N TRP A 580 6.01 27.59 -32.18
CA TRP A 580 5.96 27.11 -30.80
C TRP A 580 6.06 25.59 -30.62
N ARG A 581 6.02 24.86 -31.73
CA ARG A 581 6.19 23.40 -31.71
C ARG A 581 7.63 23.02 -31.35
N LYS A 582 7.97 23.21 -30.07
CA LYS A 582 9.31 23.00 -29.56
C LYS A 582 9.26 22.80 -28.04
N HIS A 583 10.26 22.09 -27.50
CA HIS A 583 10.35 21.83 -26.08
C HIS A 583 10.85 23.03 -25.28
N THR A 584 10.13 23.33 -24.20
CA THR A 584 10.51 24.35 -23.23
C THR A 584 11.55 23.80 -22.27
N LEU A 585 12.73 24.43 -22.24
CA LEU A 585 13.73 24.11 -21.23
C LEU A 585 13.79 25.23 -20.22
N SER A 586 13.69 24.89 -18.93
CA SER A 586 13.71 25.91 -17.88
C SER A 586 14.80 25.67 -16.84
N TYR A 587 15.36 26.78 -16.37
CA TYR A 587 16.35 26.82 -15.29
C TYR A 587 15.86 27.83 -14.27
N VAL A 588 16.55 27.92 -13.14
CA VAL A 588 16.32 28.98 -12.16
C VAL A 588 17.54 29.14 -11.27
N ASP A 589 17.94 30.39 -11.04
CA ASP A 589 18.99 30.68 -10.07
C ASP A 589 18.46 30.37 -8.68
N VAL A 590 19.15 29.47 -7.99
CA VAL A 590 18.75 29.00 -6.67
C VAL A 590 18.54 30.17 -5.68
N LYS A 591 19.42 31.17 -5.75
CA LYS A 591 19.41 32.30 -4.80
C LYS A 591 18.32 33.34 -5.12
N THR A 592 18.26 33.83 -6.36
CA THR A 592 17.31 34.88 -6.71
C THR A 592 15.92 34.33 -7.02
N GLY A 593 15.86 33.07 -7.42
CA GLY A 593 14.63 32.45 -7.91
C GLY A 593 14.31 32.92 -9.32
N LYS A 594 15.34 33.35 -10.04
CA LYS A 594 15.14 33.89 -11.37
C LYS A 594 15.10 32.78 -12.42
N VAL A 595 13.94 32.64 -13.05
CA VAL A 595 13.76 31.68 -14.12
C VAL A 595 14.27 32.24 -15.45
N SER A 596 15.37 31.66 -15.93
CA SER A 596 15.78 31.81 -17.31
C SER A 596 15.30 30.56 -18.06
N LEU A 597 14.96 30.71 -19.34
CA LEU A 597 14.53 29.54 -20.13
C LEU A 597 14.94 29.59 -21.60
N GLU A 598 14.91 28.44 -22.26
CA GLU A 598 15.20 28.34 -23.69
C GLU A 598 14.49 27.16 -24.35
N TYR A 599 14.93 26.76 -25.55
CA TYR A 599 14.20 25.73 -26.31
C TYR A 599 15.08 24.78 -27.10
N ARG A 600 14.58 23.56 -27.23
CA ARG A 600 15.19 22.56 -28.09
C ARG A 600 14.10 21.93 -28.97
N PRO A 601 14.49 21.38 -30.14
CA PRO A 601 13.49 20.86 -31.07
C PRO A 601 12.87 19.55 -30.59
N VAL A 602 11.65 19.28 -31.05
CA VAL A 602 11.05 17.97 -30.90
C VAL A 602 11.73 16.99 -31.85
N ILE A 603 11.56 15.70 -31.62
CA ILE A 603 12.08 14.71 -32.53
C ILE A 603 10.92 14.10 -33.29
N ASP A 604 11.00 14.09 -34.62
CA ASP A 604 9.94 13.52 -35.45
C ASP A 604 10.37 12.19 -36.05
N LYS A 605 11.67 12.03 -36.29
CA LYS A 605 12.19 10.75 -36.78
C LYS A 605 12.01 9.66 -35.72
N THR A 606 11.36 8.56 -36.12
CA THR A 606 11.23 7.38 -35.27
C THR A 606 12.57 6.65 -35.27
N LEU A 607 12.64 5.48 -34.67
CA LEU A 607 13.90 4.73 -34.64
C LEU A 607 14.18 4.04 -35.98
N ASN A 608 13.14 3.92 -36.80
CA ASN A 608 13.24 3.32 -38.13
C ASN A 608 11.99 3.65 -38.95
N GLU A 609 12.18 4.38 -40.04
CA GLU A 609 11.06 4.79 -40.89
C GLU A 609 10.40 3.59 -41.54
N ALA A 610 11.18 2.55 -41.77
CA ALA A 610 10.70 1.35 -42.45
C ALA A 610 9.76 0.53 -41.56
N ASP A 611 10.00 0.55 -40.25
CA ASP A 611 9.20 -0.21 -39.31
C ASP A 611 8.01 0.60 -38.79
N CYS A 612 8.24 1.90 -38.62
CA CYS A 612 7.29 2.77 -37.96
C CYS A 612 7.42 4.17 -38.54
N ALA A 613 6.45 4.55 -39.37
CA ALA A 613 6.49 5.81 -40.09
C ALA A 613 6.34 6.99 -39.16
N THR A 614 7.09 8.05 -39.42
CA THR A 614 6.88 9.33 -38.75
C THR A 614 5.45 9.79 -39.05
N VAL A 615 4.78 10.32 -38.04
CA VAL A 615 3.45 10.89 -38.26
C VAL A 615 3.54 12.41 -38.25
N PRO A 616 3.25 13.04 -39.40
CA PRO A 616 3.36 14.49 -39.53
C PRO A 616 2.18 15.16 -38.83
N PRO A 617 2.41 16.37 -38.29
CA PRO A 617 1.36 17.13 -37.60
C PRO A 617 0.08 17.29 -38.43
N ALA A 618 -1.04 17.35 -37.73
CA ALA A 618 -2.36 17.52 -38.34
C ALA A 618 -3.26 18.27 -37.36
N ILE A 619 -4.47 18.60 -37.82
CA ILE A 619 -5.52 19.10 -36.94
C ILE A 619 -5.86 17.97 -35.96
N ARG A 620 -5.79 18.26 -34.67
CA ARG A 620 -6.03 17.25 -33.64
C ARG A 620 -7.37 17.46 -32.93
N SER A 621 -8.33 16.62 -33.27
CA SER A 621 -9.69 16.73 -32.72
C SER A 621 -10.37 15.35 -32.58
N TYR A 622 -11.26 15.24 -31.60
CA TYR A 622 -12.01 14.01 -31.34
C TYR A 622 -13.52 14.24 -31.41
N PRO B 9 -20.45 26.13 14.68
CA PRO B 9 -19.18 25.96 15.41
C PRO B 9 -19.14 24.65 16.20
N ARG B 10 -18.16 23.79 15.91
CA ARG B 10 -18.13 22.43 16.46
C ARG B 10 -16.71 21.96 16.82
N ILE B 11 -16.31 22.13 18.08
CA ILE B 11 -15.00 21.65 18.55
C ILE B 11 -15.03 20.15 18.86
N LYS B 12 -13.98 19.44 18.44
CA LYS B 12 -13.78 18.03 18.78
C LYS B 12 -12.41 17.85 19.46
N LYS B 13 -12.35 16.91 20.40
CA LYS B 13 -11.11 16.61 21.13
C LYS B 13 -10.41 15.38 20.57
N PHE B 14 -9.08 15.43 20.54
CA PHE B 14 -8.27 14.30 20.08
C PHE B 14 -7.17 14.00 21.08
N ALA B 15 -7.24 12.82 21.68
CA ALA B 15 -6.19 12.35 22.57
C ALA B 15 -5.17 11.57 21.76
N ILE B 16 -3.92 12.05 21.73
CA ILE B 16 -2.93 11.48 20.81
C ILE B 16 -1.62 11.09 21.50
N TYR B 17 -1.24 9.82 21.35
CA TYR B 17 0.02 9.28 21.87
C TYR B 17 1.20 10.12 21.40
N ARG B 18 2.13 10.42 22.30
CA ARG B 18 3.31 11.21 21.96
C ARG B 18 4.57 10.61 22.56
N TRP B 19 5.67 10.74 21.83
CA TRP B 19 6.99 10.40 22.34
C TRP B 19 8.09 10.94 21.45
N ASP B 20 8.98 11.73 22.06
CA ASP B 20 10.12 12.30 21.38
C ASP B 20 11.39 11.53 21.77
N PRO B 21 11.98 10.80 20.81
CA PRO B 21 13.21 10.03 21.07
C PRO B 21 14.44 10.91 21.35
N ASP B 22 14.31 12.21 21.10
CA ASP B 22 15.44 13.14 21.26
C ASP B 22 15.25 14.10 22.45
N LYS B 23 14.43 13.70 23.42
CA LYS B 23 14.08 14.61 24.53
C LYS B 23 14.56 14.10 25.91
N THR B 24 15.69 13.39 25.89
CA THR B 24 16.32 12.79 27.09
C THR B 24 15.33 12.12 28.06
N GLY B 25 15.16 10.80 27.88
CA GLY B 25 14.26 10.00 28.70
C GLY B 25 12.86 10.56 28.86
N ASP B 26 12.30 11.10 27.77
CA ASP B 26 10.90 11.51 27.74
C ASP B 26 10.04 10.26 27.85
N LYS B 27 8.97 10.34 28.62
CA LYS B 27 8.09 9.19 28.83
C LYS B 27 6.79 9.32 28.02
N PRO B 28 6.34 8.20 27.42
CA PRO B 28 5.14 8.17 26.59
C PRO B 28 3.94 8.80 27.28
N HIS B 29 3.31 9.78 26.63
CA HIS B 29 2.20 10.51 27.23
C HIS B 29 1.19 10.94 26.19
N MET B 30 -0.07 11.04 26.59
CA MET B 30 -1.13 11.50 25.71
C MET B 30 -1.18 13.03 25.67
N GLN B 31 -1.32 13.58 24.47
CA GLN B 31 -1.53 15.01 24.29
C GLN B 31 -2.87 15.25 23.61
N THR B 32 -3.61 16.23 24.13
CA THR B 32 -4.97 16.51 23.64
C THR B 32 -4.98 17.77 22.77
N TYR B 33 -5.74 17.71 21.68
CA TYR B 33 -5.87 18.82 20.77
C TYR B 33 -7.35 19.08 20.49
N GLU B 34 -7.64 20.28 19.99
CA GLU B 34 -9.02 20.70 19.76
C GLU B 34 -9.18 21.21 18.33
N ILE B 35 -10.23 20.74 17.65
CA ILE B 35 -10.40 21.01 16.23
C ILE B 35 -11.83 21.40 15.89
N ASP B 36 -12.00 22.57 15.26
CA ASP B 36 -13.29 22.95 14.72
C ASP B 36 -13.58 22.04 13.53
N LEU B 37 -14.62 21.22 13.64
CA LEU B 37 -14.96 20.26 12.61
C LEU B 37 -15.58 20.87 11.35
N ASN B 38 -16.16 22.06 11.47
CA ASN B 38 -16.59 22.81 10.28
C ASN B 38 -15.38 23.31 9.48
N ASN B 39 -14.24 23.43 10.18
CA ASN B 39 -12.97 23.84 9.58
C ASN B 39 -12.05 22.65 9.24
N CYS B 40 -12.64 21.47 9.06
CA CYS B 40 -11.85 20.25 8.84
C CYS B 40 -12.50 19.23 7.92
N GLY B 41 -11.68 18.46 7.22
CA GLY B 41 -12.16 17.37 6.36
C GLY B 41 -12.68 16.21 7.19
N PRO B 42 -13.61 15.41 6.61
CA PRO B 42 -14.35 14.35 7.31
C PRO B 42 -13.52 13.28 8.01
N MET B 43 -12.31 13.01 7.51
CA MET B 43 -11.52 11.88 7.99
C MET B 43 -10.52 12.23 9.09
N VAL B 44 -10.17 11.24 9.90
CA VAL B 44 -9.25 11.39 11.03
C VAL B 44 -7.90 11.97 10.61
N LEU B 45 -7.39 11.55 9.45
CA LEU B 45 -6.14 12.09 8.91
C LEU B 45 -6.25 13.58 8.65
N ASP B 46 -7.39 14.02 8.10
CA ASP B 46 -7.65 15.43 7.85
C ASP B 46 -7.44 16.27 9.11
N ALA B 47 -7.89 15.74 10.24
CA ALA B 47 -7.63 16.34 11.55
C ALA B 47 -6.15 16.24 11.93
N LEU B 48 -5.58 15.05 11.80
CA LEU B 48 -4.16 14.82 12.09
C LEU B 48 -3.24 15.76 11.31
N ILE B 49 -3.63 16.04 10.07
CA ILE B 49 -2.96 17.01 9.21
C ILE B 49 -3.22 18.45 9.70
N LYS B 50 -4.49 18.76 9.98
CA LYS B 50 -4.88 20.09 10.43
C LYS B 50 -4.16 20.55 11.70
N ILE B 51 -3.96 19.63 12.66
CA ILE B 51 -3.22 19.96 13.88
C ILE B 51 -1.71 20.08 13.59
N LYS B 52 -1.22 19.29 12.63
CA LYS B 52 0.16 19.36 12.18
C LYS B 52 0.42 20.75 11.59
N ASN B 53 -0.48 21.18 10.71
CA ASN B 53 -0.38 22.46 10.00
C ASN B 53 -0.55 23.71 10.86
N GLU B 54 -1.60 23.74 11.69
CA GLU B 54 -1.96 24.94 12.43
C GLU B 54 -1.53 24.95 13.90
N ILE B 55 -1.52 23.77 14.52
CA ILE B 55 -1.31 23.67 15.96
C ILE B 55 0.10 23.22 16.32
N ASP B 56 0.43 21.97 16.04
CA ASP B 56 1.79 21.46 16.32
C ASP B 56 2.34 20.55 15.21
N SER B 57 3.42 21.02 14.60
CA SER B 57 4.09 20.28 13.56
C SER B 57 5.21 19.40 14.11
N THR B 58 5.31 19.30 15.43
CA THR B 58 6.20 18.33 16.06
C THR B 58 5.52 16.96 16.09
N LEU B 59 4.23 16.94 15.75
CA LEU B 59 3.48 15.70 15.60
C LEU B 59 3.92 14.93 14.35
N THR B 60 4.32 13.68 14.55
CA THR B 60 4.95 12.89 13.50
C THR B 60 4.13 11.64 13.16
N PHE B 61 3.78 11.48 11.89
CA PHE B 61 3.03 10.30 11.44
C PHE B 61 3.29 10.00 9.97
N ARG B 62 2.98 8.76 9.55
CA ARG B 62 3.12 8.33 8.18
C ARG B 62 1.81 8.51 7.41
N ARG B 63 1.85 9.29 6.32
CA ARG B 63 0.71 9.38 5.41
C ARG B 63 1.21 9.52 3.97
N SER B 64 0.36 9.19 3.00
CA SER B 64 0.71 9.39 1.60
C SER B 64 -0.52 9.59 0.71
N CYS B 65 -1.30 8.53 0.51
CA CYS B 65 -2.36 8.52 -0.48
C CYS B 65 -3.60 9.30 -0.09
N ARG B 66 -3.87 9.38 1.21
CA ARG B 66 -5.15 9.88 1.75
C ARG B 66 -6.38 9.37 0.96
N GLU B 67 -6.29 8.12 0.51
CA GLU B 67 -7.32 7.52 -0.31
C GLU B 67 -7.47 6.05 0.08
N GLY B 68 -6.64 5.63 1.03
CA GLY B 68 -6.68 4.28 1.57
C GLY B 68 -6.14 3.17 0.70
N ILE B 69 -5.08 3.44 -0.07
CA ILE B 69 -4.46 2.38 -0.89
C ILE B 69 -2.96 2.19 -0.63
N CYS B 70 -2.29 3.21 -0.11
CA CYS B 70 -0.88 3.04 0.21
C CYS B 70 -0.73 2.24 1.49
N GLY B 71 -1.72 2.37 2.37
CA GLY B 71 -1.66 1.78 3.70
C GLY B 71 -0.61 2.47 4.54
N SER B 72 -0.64 3.80 4.54
CA SER B 72 0.36 4.57 5.26
C SER B 72 -0.08 4.95 6.67
N CYS B 73 -1.36 5.27 6.86
CA CYS B 73 -1.91 5.63 8.17
C CYS B 73 -1.76 4.48 9.15
N ALA B 74 -2.71 3.54 9.10
CA ALA B 74 -2.69 2.33 9.92
C ALA B 74 -2.20 2.60 11.35
N MET B 75 -3.14 2.97 12.21
CA MET B 75 -2.86 3.28 13.60
C MET B 75 -4.04 2.80 14.44
N ASN B 76 -3.93 2.92 15.76
CA ASN B 76 -5.04 2.54 16.64
C ASN B 76 -5.96 3.72 16.99
N ILE B 77 -7.16 3.69 16.43
CA ILE B 77 -8.14 4.76 16.66
C ILE B 77 -9.37 4.19 17.35
N ASN B 78 -9.62 4.67 18.56
CA ASN B 78 -10.78 4.24 19.37
C ASN B 78 -10.80 2.74 19.60
N GLY B 79 -9.63 2.18 19.90
CA GLY B 79 -9.47 0.76 20.20
C GLY B 79 -9.24 -0.16 19.00
N GLY B 80 -9.60 0.33 17.82
CA GLY B 80 -9.49 -0.48 16.59
C GLY B 80 -8.44 0.01 15.61
N ASN B 81 -7.91 -0.92 14.82
CA ASN B 81 -6.91 -0.63 13.81
C ASN B 81 -7.53 -0.42 12.42
N THR B 82 -7.53 0.83 11.95
CA THR B 82 -7.83 1.14 10.53
C THR B 82 -6.88 2.20 10.00
N LEU B 83 -7.23 2.76 8.85
CA LEU B 83 -6.46 3.81 8.21
C LEU B 83 -7.11 5.14 8.53
N ALA B 84 -6.32 6.04 9.11
CA ALA B 84 -6.78 7.36 9.47
C ALA B 84 -7.46 8.07 8.32
N CYS B 85 -6.84 7.97 7.14
CA CYS B 85 -7.35 8.64 5.93
C CYS B 85 -8.72 8.12 5.50
N THR B 86 -9.11 6.96 6.02
CA THR B 86 -10.37 6.34 5.62
C THR B 86 -11.43 6.34 6.74
N ARG B 87 -10.96 6.36 7.98
CA ARG B 87 -11.84 6.42 9.16
C ARG B 87 -12.31 7.86 9.36
N ARG B 88 -13.63 8.04 9.37
CA ARG B 88 -14.19 9.37 9.60
C ARG B 88 -14.36 9.67 11.10
N ILE B 89 -14.16 10.95 11.44
CA ILE B 89 -14.24 11.43 12.82
C ILE B 89 -15.67 11.31 13.32
N ASP B 90 -15.82 10.95 14.61
CA ASP B 90 -17.13 10.87 15.25
C ASP B 90 -17.63 12.27 15.56
N THR B 91 -18.69 12.68 14.86
CA THR B 91 -19.32 14.00 15.05
C THR B 91 -19.70 14.24 16.52
N ASN B 92 -19.89 13.16 17.27
CA ASN B 92 -20.22 13.23 18.70
C ASN B 92 -19.13 13.90 19.55
N LEU B 93 -19.36 15.17 19.87
CA LEU B 93 -18.38 16.02 20.54
C LEU B 93 -18.09 15.56 21.98
N ASP B 94 -18.99 14.74 22.52
CA ASP B 94 -18.87 14.22 23.88
C ASP B 94 -17.73 13.21 24.00
N LYS B 95 -17.57 12.38 22.97
CA LYS B 95 -16.50 11.40 22.94
C LYS B 95 -15.19 12.06 22.53
N VAL B 96 -14.15 11.77 23.28
CA VAL B 96 -12.79 12.22 22.97
C VAL B 96 -12.04 11.10 22.24
N SER B 97 -11.70 11.33 20.98
CA SER B 97 -11.01 10.35 20.13
C SER B 97 -9.62 10.02 20.66
N LYS B 98 -9.33 8.72 20.75
CA LYS B 98 -8.05 8.26 21.28
C LYS B 98 -7.19 7.57 20.21
N ILE B 99 -6.15 8.29 19.77
CA ILE B 99 -5.26 7.85 18.70
C ILE B 99 -3.92 7.34 19.24
N TYR B 100 -3.64 6.07 18.95
CA TYR B 100 -2.44 5.39 19.41
C TYR B 100 -1.67 4.85 18.22
N PRO B 101 -0.40 4.46 18.44
CA PRO B 101 0.32 3.72 17.41
C PRO B 101 -0.17 2.29 17.37
N LEU B 102 0.08 1.62 16.25
CA LEU B 102 -0.18 0.20 16.12
C LEU B 102 0.35 -0.60 17.34
N PRO B 103 -0.53 -1.43 17.94
CA PRO B 103 -0.29 -2.13 19.21
C PRO B 103 0.93 -3.05 19.22
N HIS B 104 1.49 -3.26 20.41
CA HIS B 104 2.69 -4.07 20.66
C HIS B 104 3.75 -3.92 19.57
N MET B 105 4.09 -2.66 19.26
CA MET B 105 5.17 -2.36 18.31
C MET B 105 6.10 -1.30 18.88
N TYR B 106 7.34 -1.27 18.40
CA TYR B 106 8.33 -0.29 18.84
C TYR B 106 8.07 1.09 18.24
N VAL B 107 7.82 2.08 19.10
CA VAL B 107 7.60 3.45 18.61
C VAL B 107 8.95 4.12 18.36
N ILE B 108 9.17 4.50 17.11
CA ILE B 108 10.32 5.31 16.71
C ILE B 108 10.12 6.74 17.22
N LYS B 109 8.88 7.23 17.10
CA LYS B 109 8.49 8.57 17.48
C LYS B 109 7.00 8.66 17.25
N ASP B 110 6.28 9.25 18.21
CA ASP B 110 4.82 9.46 18.12
C ASP B 110 4.01 8.25 17.62
N LEU B 111 3.53 8.34 16.39
CA LEU B 111 2.69 7.28 15.82
C LEU B 111 3.44 6.49 14.76
N VAL B 112 4.75 6.46 14.89
CA VAL B 112 5.61 5.86 13.88
C VAL B 112 6.29 4.61 14.45
N PRO B 113 5.77 3.43 14.09
CA PRO B 113 6.26 2.12 14.51
C PRO B 113 7.35 1.55 13.60
N ASP B 114 8.31 0.85 14.20
CA ASP B 114 9.35 0.16 13.45
C ASP B 114 8.73 -1.05 12.74
N LEU B 115 8.45 -0.91 11.45
CA LEU B 115 7.80 -1.97 10.68
C LEU B 115 8.78 -2.93 9.99
N SER B 116 10.06 -2.84 10.36
CA SER B 116 11.11 -3.64 9.72
C SER B 116 10.88 -5.13 9.77
N ASN B 117 10.43 -5.63 10.92
CA ASN B 117 10.16 -7.05 11.09
C ASN B 117 8.98 -7.50 10.26
N PHE B 118 7.91 -6.71 10.29
CA PHE B 118 6.72 -6.95 9.48
C PHE B 118 7.11 -7.15 8.02
N TYR B 119 8.02 -6.31 7.53
CA TYR B 119 8.55 -6.41 6.16
C TYR B 119 9.44 -7.64 5.93
N ALA B 120 10.40 -7.86 6.83
CA ALA B 120 11.31 -9.01 6.76
C ALA B 120 10.53 -10.33 6.69
N GLN B 121 9.42 -10.39 7.43
CA GLN B 121 8.54 -11.56 7.43
C GLN B 121 7.87 -11.77 6.08
N TYR B 122 7.53 -10.66 5.41
CA TYR B 122 6.91 -10.70 4.09
C TYR B 122 7.89 -11.21 3.03
N LYS B 123 9.14 -10.77 3.15
CA LYS B 123 10.22 -11.27 2.32
C LYS B 123 10.36 -12.78 2.41
N SER B 124 10.27 -13.31 3.62
CA SER B 124 10.57 -14.72 3.92
C SER B 124 9.67 -15.76 3.25
N ILE B 125 8.42 -15.38 2.97
CA ILE B 125 7.49 -16.29 2.30
C ILE B 125 7.74 -16.36 0.80
N GLU B 126 8.65 -15.50 0.32
CA GLU B 126 8.99 -15.39 -1.10
C GLU B 126 7.76 -15.05 -1.94
N PRO B 127 7.23 -13.82 -1.76
CA PRO B 127 5.95 -13.42 -2.32
C PRO B 127 6.06 -13.01 -3.79
N TYR B 128 6.36 -14.00 -4.64
CA TYR B 128 6.45 -13.79 -6.08
C TYR B 128 6.20 -15.12 -6.76
N LEU B 129 5.89 -15.07 -8.05
CA LEU B 129 5.60 -16.29 -8.79
C LEU B 129 6.88 -17.08 -9.05
N LYS B 130 6.77 -18.40 -8.95
CA LYS B 130 7.92 -19.27 -9.18
C LYS B 130 7.53 -20.39 -10.14
N LYS B 131 8.38 -20.56 -11.16
CA LYS B 131 8.25 -21.67 -12.10
C LYS B 131 9.42 -22.65 -11.95
N LYS B 132 9.17 -23.91 -12.28
CA LYS B 132 10.22 -24.94 -12.25
C LYS B 132 11.12 -24.78 -13.47
N ASP B 133 10.48 -24.46 -14.60
CA ASP B 133 11.19 -24.10 -15.83
C ASP B 133 10.99 -22.61 -16.14
N GLU B 134 12.03 -21.81 -15.86
CA GLU B 134 12.00 -20.37 -16.05
C GLU B 134 12.78 -19.91 -17.29
N SER B 135 13.00 -20.84 -18.22
CA SER B 135 13.70 -20.54 -19.46
C SER B 135 12.81 -19.67 -20.35
N GLN B 136 11.54 -20.05 -20.43
CA GLN B 136 10.58 -19.42 -21.34
C GLN B 136 9.93 -18.15 -20.80
N GLU B 137 10.45 -17.61 -19.71
CA GLU B 137 9.85 -16.42 -19.12
C GLU B 137 10.12 -15.16 -19.94
N GLY B 138 9.16 -14.24 -19.88
CA GLY B 138 9.27 -12.94 -20.52
C GLY B 138 8.68 -12.87 -21.91
N LYS B 139 8.37 -14.03 -22.50
CA LYS B 139 7.99 -14.07 -23.92
C LYS B 139 6.55 -14.42 -24.29
N GLN B 140 5.85 -15.12 -23.39
CA GLN B 140 4.42 -15.35 -23.61
C GLN B 140 3.62 -15.14 -22.33
N GLN B 141 2.46 -14.49 -22.46
CA GLN B 141 1.54 -14.36 -21.35
C GLN B 141 1.05 -15.73 -20.92
N TYR B 142 1.05 -15.97 -19.61
CA TYR B 142 0.62 -17.24 -19.05
C TYR B 142 -0.90 -17.38 -19.08
N LEU B 143 -1.35 -18.62 -19.29
CA LEU B 143 -2.77 -18.95 -19.34
C LEU B 143 -3.34 -19.02 -17.93
N GLN B 144 -4.54 -18.47 -17.76
CA GLN B 144 -5.26 -18.53 -16.50
C GLN B 144 -6.72 -18.19 -16.75
N SER B 145 -7.60 -19.16 -16.52
CA SER B 145 -9.04 -18.98 -16.71
C SER B 145 -9.62 -18.09 -15.63
N ILE B 146 -10.70 -17.38 -15.94
CA ILE B 146 -11.37 -16.51 -14.96
C ILE B 146 -11.72 -17.29 -13.70
N GLU B 147 -11.90 -18.60 -13.89
CA GLU B 147 -12.21 -19.55 -12.84
C GLU B 147 -11.04 -19.60 -11.84
N GLU B 148 -9.83 -19.86 -12.36
CA GLU B 148 -8.59 -19.85 -11.57
C GLU B 148 -8.29 -18.46 -11.03
N ARG B 149 -8.81 -17.45 -11.73
CA ARG B 149 -8.56 -16.06 -11.39
C ARG B 149 -9.47 -15.57 -10.25
N GLU B 150 -10.71 -16.05 -10.20
CA GLU B 150 -11.65 -15.65 -9.15
C GLU B 150 -11.10 -15.98 -7.77
N LYS B 151 -10.36 -17.08 -7.68
CA LYS B 151 -9.71 -17.55 -6.46
C LYS B 151 -8.68 -16.59 -5.86
N LEU B 152 -8.55 -15.42 -6.46
CA LEU B 152 -7.55 -14.44 -6.01
C LEU B 152 -8.19 -13.20 -5.39
N ASP B 153 -9.42 -12.90 -5.79
CA ASP B 153 -10.18 -11.80 -5.20
C ASP B 153 -10.19 -11.91 -3.69
N GLY B 154 -10.08 -10.78 -3.01
CA GLY B 154 -10.00 -10.76 -1.55
C GLY B 154 -8.68 -11.28 -1.01
N LEU B 155 -7.69 -11.49 -1.87
CA LEU B 155 -6.34 -11.88 -1.44
C LEU B 155 -5.28 -10.90 -1.95
N TYR B 156 -5.37 -10.58 -3.24
CA TYR B 156 -4.41 -9.71 -3.91
C TYR B 156 -4.54 -8.25 -3.48
N GLU B 157 -5.72 -7.86 -3.02
CA GLU B 157 -6.01 -6.46 -2.65
C GLU B 157 -5.33 -6.01 -1.37
N CYS B 158 -4.57 -6.91 -0.73
CA CYS B 158 -3.90 -6.57 0.50
C CYS B 158 -2.92 -5.42 0.31
N ILE B 159 -3.03 -4.46 1.22
CA ILE B 159 -2.36 -3.17 1.18
C ILE B 159 -1.05 -3.20 1.99
N LEU B 160 -0.77 -4.32 2.65
CA LEU B 160 0.33 -4.46 3.61
C LEU B 160 0.35 -3.35 4.68
N CYS B 161 -0.84 -2.96 5.14
CA CYS B 161 -1.00 -1.88 6.11
C CYS B 161 -0.67 -2.33 7.52
N ALA B 162 -0.73 -3.63 7.76
CA ALA B 162 -0.31 -4.22 9.03
C ALA B 162 -1.29 -4.00 10.19
N CYS B 163 -2.49 -3.53 9.89
CA CYS B 163 -3.58 -3.46 10.88
C CYS B 163 -3.90 -4.84 11.48
N CYS B 164 -3.99 -5.85 10.61
CA CYS B 164 -4.32 -7.21 11.03
C CYS B 164 -3.31 -7.77 12.02
N SER B 165 -2.10 -8.05 11.56
CA SER B 165 -1.09 -8.73 12.38
C SER B 165 -0.84 -8.00 13.69
N THR B 166 -1.04 -6.69 13.66
CA THR B 166 -0.74 -5.83 14.79
C THR B 166 -1.93 -5.74 15.76
N SER B 167 -3.02 -6.42 15.41
CA SER B 167 -4.18 -6.56 16.29
C SER B 167 -4.25 -7.96 16.89
N CYS B 168 -3.43 -8.88 16.38
CA CYS B 168 -3.43 -10.29 16.79
C CYS B 168 -2.58 -10.51 18.03
N PRO B 169 -3.22 -10.88 19.15
CA PRO B 169 -2.57 -11.18 20.43
C PRO B 169 -1.42 -12.17 20.31
N SER B 170 -1.57 -13.17 19.42
CA SER B 170 -0.50 -14.12 19.11
C SER B 170 0.71 -13.42 18.51
N TYR B 171 0.45 -12.48 17.61
CA TYR B 171 1.50 -11.65 17.07
C TYR B 171 2.10 -10.74 18.15
N TRP B 172 1.29 -10.32 19.12
CA TRP B 172 1.80 -9.52 20.24
C TRP B 172 2.85 -10.31 21.02
N TRP B 173 2.53 -11.55 21.41
CA TRP B 173 3.42 -12.31 22.27
C TRP B 173 4.53 -12.98 21.47
N ASN B 174 4.26 -13.24 20.19
CA ASN B 174 5.19 -14.02 19.38
C ASN B 174 5.50 -13.46 17.99
N GLY B 175 5.48 -12.13 17.89
CA GLY B 175 5.70 -11.45 16.62
C GLY B 175 7.00 -11.81 15.94
N ASP B 176 7.99 -12.24 16.72
CA ASP B 176 9.30 -12.59 16.18
C ASP B 176 9.27 -13.83 15.31
N LYS B 177 8.60 -14.88 15.79
CA LYS B 177 8.63 -16.18 15.11
C LYS B 177 7.31 -16.54 14.45
N TYR B 178 6.23 -15.92 14.92
CA TYR B 178 4.93 -16.07 14.28
C TYR B 178 4.75 -15.01 13.20
N LEU B 179 4.47 -15.47 11.97
CA LEU B 179 4.40 -14.60 10.80
C LEU B 179 3.24 -13.61 10.79
N GLY B 180 2.15 -13.94 11.48
CA GLY B 180 0.98 -13.07 11.53
C GLY B 180 0.14 -13.14 10.27
N PRO B 181 -1.15 -12.74 10.36
CA PRO B 181 -2.17 -12.86 9.31
C PRO B 181 -1.87 -12.21 7.95
N ALA B 182 -1.43 -10.94 7.95
CA ALA B 182 -1.11 -10.21 6.70
C ALA B 182 -0.16 -11.03 5.82
N VAL B 183 1.02 -11.35 6.36
CA VAL B 183 1.99 -12.20 5.68
C VAL B 183 1.39 -13.57 5.34
N LEU B 184 0.78 -14.23 6.33
CA LEU B 184 0.24 -15.56 6.10
C LEU B 184 -0.81 -15.58 5.00
N MET B 185 -1.69 -14.57 4.97
CA MET B 185 -2.69 -14.48 3.90
C MET B 185 -2.01 -14.38 2.53
N GLN B 186 -0.91 -13.65 2.45
CA GLN B 186 -0.15 -13.54 1.20
C GLN B 186 0.46 -14.87 0.75
N ALA B 187 1.06 -15.61 1.68
CA ALA B 187 1.65 -16.90 1.34
C ALA B 187 0.58 -17.80 0.71
N TYR B 188 -0.65 -17.64 1.17
CA TYR B 188 -1.79 -18.37 0.63
C TYR B 188 -2.17 -17.84 -0.75
N ARG B 189 -2.14 -16.52 -0.92
CA ARG B 189 -2.38 -15.86 -2.21
C ARG B 189 -1.51 -16.47 -3.32
N TRP B 190 -0.30 -16.86 -2.94
CA TRP B 190 0.64 -17.46 -3.88
C TRP B 190 0.47 -18.98 -3.96
N MET B 191 0.01 -19.58 -2.86
CA MET B 191 -0.34 -20.99 -2.85
C MET B 191 -1.41 -21.31 -3.87
N ILE B 192 -2.54 -20.61 -3.82
CA ILE B 192 -3.65 -20.89 -4.76
C ILE B 192 -3.53 -20.22 -6.14
N ASP B 193 -2.38 -19.62 -6.41
CA ASP B 193 -2.14 -19.08 -7.74
C ASP B 193 -1.81 -20.22 -8.69
N SER B 194 -2.75 -20.50 -9.59
CA SER B 194 -2.63 -21.59 -10.57
C SER B 194 -1.28 -21.56 -11.31
N ARG B 195 -0.75 -20.36 -11.53
CA ARG B 195 0.49 -20.19 -12.26
C ARG B 195 1.75 -20.52 -11.44
N ASP B 196 1.61 -20.71 -10.13
CA ASP B 196 2.76 -21.03 -9.30
C ASP B 196 3.02 -22.53 -9.26
N ASP B 197 4.31 -22.90 -9.21
CA ASP B 197 4.70 -24.31 -9.24
C ASP B 197 5.17 -24.84 -7.89
N PHE B 198 5.24 -23.95 -6.91
CA PHE B 198 5.89 -24.26 -5.64
C PHE B 198 4.95 -24.39 -4.43
N THR B 199 3.70 -24.78 -4.69
CA THR B 199 2.68 -24.88 -3.65
C THR B 199 3.13 -25.79 -2.48
N GLU B 200 3.74 -26.93 -2.81
CA GLU B 200 4.18 -27.89 -1.80
C GLU B 200 5.28 -27.35 -0.90
N GLU B 201 6.23 -26.61 -1.47
CA GLU B 201 7.37 -26.09 -0.70
C GLU B 201 7.01 -24.84 0.12
N ARG B 202 5.94 -24.17 -0.30
CA ARG B 202 5.37 -23.03 0.44
C ARG B 202 4.74 -23.52 1.74
N LEU B 203 3.99 -24.61 1.65
CA LEU B 203 3.44 -25.31 2.80
C LEU B 203 4.55 -25.88 3.67
N ALA B 204 5.46 -26.64 3.07
CA ALA B 204 6.57 -27.27 3.77
C ALA B 204 7.42 -26.27 4.57
N LYS B 205 7.31 -24.99 4.24
CA LYS B 205 8.05 -23.92 4.92
C LYS B 205 7.37 -23.52 6.23
N LEU B 206 6.12 -23.95 6.41
CA LEU B 206 5.34 -23.62 7.59
C LEU B 206 5.25 -24.80 8.57
N GLN B 207 6.13 -25.78 8.39
CA GLN B 207 6.21 -26.93 9.29
C GLN B 207 7.12 -26.62 10.48
N ASP B 208 6.57 -25.85 11.41
CA ASP B 208 7.20 -25.64 12.72
C ASP B 208 6.12 -25.14 13.71
N PRO B 209 6.46 -25.07 15.02
CA PRO B 209 5.46 -24.63 16.00
C PRO B 209 4.85 -23.24 15.74
N PHE B 210 5.68 -22.31 15.26
CA PHE B 210 5.37 -20.87 15.36
C PHE B 210 4.82 -20.16 14.11
N SER B 211 5.29 -20.56 12.93
CA SER B 211 5.07 -19.77 11.71
C SER B 211 3.60 -19.58 11.34
N LEU B 212 2.81 -20.62 11.58
CA LEU B 212 1.40 -20.66 11.23
C LEU B 212 0.56 -20.97 12.47
N TYR B 213 1.09 -21.81 13.35
CA TYR B 213 0.27 -22.44 14.37
C TYR B 213 0.00 -21.63 15.65
N ARG B 214 0.66 -20.49 15.80
CA ARG B 214 0.34 -19.57 16.88
C ARG B 214 -1.02 -18.93 16.65
N CYS B 215 -1.53 -19.02 15.42
CA CYS B 215 -2.90 -18.60 15.16
C CYS B 215 -3.84 -19.50 15.93
N HIS B 216 -4.60 -18.90 16.86
CA HIS B 216 -5.64 -19.60 17.62
C HIS B 216 -7.04 -19.15 17.21
N THR B 217 -7.19 -18.73 15.95
CA THR B 217 -8.49 -18.33 15.37
C THR B 217 -9.23 -17.23 16.14
N ILE B 218 -8.45 -16.33 16.77
CA ILE B 218 -8.99 -15.21 17.54
C ILE B 218 -9.89 -14.28 16.69
N MET B 219 -9.51 -14.11 15.43
CA MET B 219 -10.33 -13.39 14.44
C MET B 219 -10.36 -11.88 14.60
N ASN B 220 -9.37 -11.32 15.29
CA ASN B 220 -9.24 -9.87 15.31
C ASN B 220 -8.87 -9.37 13.91
N CYS B 221 -7.96 -10.10 13.28
CA CYS B 221 -7.43 -9.77 11.97
C CYS B 221 -8.54 -9.44 10.98
N THR B 222 -9.43 -10.40 10.73
CA THR B 222 -10.53 -10.18 9.82
C THR B 222 -11.43 -9.08 10.33
N GLY B 223 -11.63 -9.07 11.64
CA GLY B 223 -12.48 -8.08 12.29
C GLY B 223 -12.01 -6.67 12.10
N THR B 224 -10.71 -6.49 11.83
CA THR B 224 -10.09 -5.16 11.80
C THR B 224 -9.61 -4.66 10.44
N CYS B 225 -9.56 -5.54 9.43
CA CYS B 225 -9.01 -5.15 8.12
C CYS B 225 -9.73 -3.96 7.52
N PRO B 226 -8.98 -2.84 7.32
CA PRO B 226 -9.61 -1.62 6.80
C PRO B 226 -10.08 -1.80 5.36
N LYS B 227 -9.66 -2.91 4.74
CA LYS B 227 -10.01 -3.23 3.35
C LYS B 227 -11.10 -4.30 3.26
N GLY B 228 -11.65 -4.70 4.40
CA GLY B 228 -12.72 -5.70 4.43
C GLY B 228 -12.33 -7.09 3.96
N LEU B 229 -11.06 -7.44 4.15
CA LEU B 229 -10.55 -8.74 3.75
C LEU B 229 -10.67 -9.74 4.89
N ASN B 230 -10.45 -11.01 4.60
CA ASN B 230 -10.57 -12.07 5.59
C ASN B 230 -9.28 -12.88 5.81
N PRO B 231 -8.21 -12.23 6.32
CA PRO B 231 -6.96 -12.97 6.55
C PRO B 231 -7.15 -14.28 7.32
N GLY B 232 -7.94 -14.25 8.38
CA GLY B 232 -8.17 -15.43 9.21
C GLY B 232 -8.74 -16.63 8.49
N LYS B 233 -9.73 -16.39 7.62
CA LYS B 233 -10.36 -17.43 6.80
C LYS B 233 -9.36 -18.11 5.87
N ALA B 234 -8.36 -17.35 5.42
CA ALA B 234 -7.28 -17.87 4.60
C ALA B 234 -6.32 -18.72 5.45
N ILE B 235 -6.10 -18.27 6.68
CA ILE B 235 -5.26 -19.01 7.62
C ILE B 235 -5.81 -20.42 7.85
N ALA B 236 -7.14 -20.54 7.90
CA ALA B 236 -7.78 -21.84 8.08
C ALA B 236 -7.70 -22.69 6.80
N GLU B 237 -7.58 -22.02 5.66
CA GLU B 237 -7.50 -22.70 4.39
C GLU B 237 -6.11 -23.26 4.21
N ILE B 238 -5.11 -22.52 4.68
CA ILE B 238 -3.72 -22.99 4.74
C ILE B 238 -3.64 -24.22 5.62
N LYS B 239 -4.27 -24.11 6.80
CA LYS B 239 -4.27 -25.18 7.79
C LYS B 239 -4.80 -26.49 7.21
N LYS B 240 -5.94 -26.42 6.52
CA LYS B 240 -6.49 -27.57 5.80
C LYS B 240 -5.49 -28.14 4.80
N MET B 241 -4.91 -27.25 3.99
CA MET B 241 -3.91 -27.64 2.99
C MET B 241 -2.68 -28.28 3.64
N MET B 242 -2.31 -27.78 4.82
CA MET B 242 -1.17 -28.28 5.56
C MET B 242 -1.37 -29.72 6.01
N ALA B 243 -2.63 -30.05 6.32
CA ALA B 243 -2.97 -31.38 6.80
C ALA B 243 -3.15 -32.40 5.69
N THR B 244 -3.60 -31.93 4.52
CA THR B 244 -4.09 -32.83 3.48
C THR B 244 -3.15 -33.01 2.28
N TYR B 245 -2.12 -32.17 2.18
CA TYR B 245 -1.18 -32.23 1.04
C TYR B 245 -0.27 -33.48 1.06
N LYS B 246 0.34 -33.78 -0.09
CA LYS B 246 1.16 -34.98 -0.24
C LYS B 246 2.67 -34.76 -0.40
N GLU B 247 3.43 -35.63 0.27
CA GLU B 247 4.90 -35.54 0.42
C GLU B 247 5.30 -34.48 1.45
N THR C 3 21.06 -8.22 1.67
CA THR C 3 20.48 -8.51 3.03
C THR C 3 19.29 -9.50 3.00
N THR C 4 19.45 -10.67 3.60
CA THR C 4 18.40 -11.68 3.64
C THR C 4 17.25 -11.32 4.60
N ALA C 5 16.11 -11.99 4.45
CA ALA C 5 14.97 -11.83 5.36
C ALA C 5 15.37 -12.09 6.82
N LYS C 6 16.25 -13.09 7.00
CA LYS C 6 16.72 -13.52 8.32
C LYS C 6 17.67 -12.49 8.93
N GLU C 7 18.61 -12.00 8.13
CA GLU C 7 19.51 -10.92 8.55
C GLU C 7 18.73 -9.68 8.94
N GLU C 8 17.66 -9.39 8.18
CA GLU C 8 16.78 -8.26 8.44
C GLU C 8 16.08 -8.40 9.80
N MET C 9 15.59 -9.60 10.09
CA MET C 9 14.99 -9.92 11.39
C MET C 9 16.02 -9.80 12.52
N GLU C 10 17.15 -10.45 12.32
CA GLU C 10 18.28 -10.43 13.24
C GLU C 10 18.72 -8.99 13.55
N ARG C 11 18.72 -8.15 12.52
CA ARG C 11 19.02 -6.72 12.64
C ARG C 11 17.93 -5.97 13.42
N PHE C 12 16.66 -6.33 13.16
CA PHE C 12 15.51 -5.73 13.83
C PHE C 12 15.57 -5.88 15.36
N TRP C 13 15.98 -7.05 15.83
CA TRP C 13 16.04 -7.32 17.26
C TRP C 13 17.23 -6.66 17.93
N ASN C 14 18.40 -6.75 17.32
CA ASN C 14 19.60 -6.14 17.88
C ASN C 14 19.58 -4.61 17.92
N LYS C 15 18.84 -4.01 16.97
CA LYS C 15 18.61 -2.57 16.99
C LYS C 15 17.70 -2.17 18.15
N ASN C 16 16.57 -2.85 18.27
CA ASN C 16 15.52 -2.41 19.18
C ASN C 16 15.71 -2.74 20.66
N LEU C 17 16.27 -3.90 20.94
CA LEU C 17 16.57 -4.31 22.32
C LEU C 17 17.68 -3.46 22.94
N GLY C 18 18.55 -2.90 22.08
CA GLY C 18 19.56 -1.94 22.52
C GLY C 18 19.15 -0.48 22.35
N SER C 19 17.85 -0.20 22.43
CA SER C 19 17.34 1.17 22.32
C SER C 19 16.56 1.61 23.57
N ASN C 20 16.05 2.83 23.54
CA ASN C 20 15.13 3.28 24.57
C ASN C 20 13.72 3.52 24.00
N ARG C 21 13.42 2.87 22.89
CA ARG C 21 12.10 2.97 22.29
C ARG C 21 11.08 2.26 23.16
N PRO C 22 9.91 2.88 23.39
CA PRO C 22 8.79 2.23 24.09
C PRO C 22 7.98 1.32 23.17
N LEU C 23 7.51 0.20 23.71
CA LEU C 23 6.49 -0.61 23.03
C LEU C 23 5.14 0.07 23.17
N SER C 24 4.41 0.20 22.06
CA SER C 24 3.07 0.82 22.10
C SER C 24 2.11 -0.04 22.92
N PRO C 25 1.15 0.59 23.61
CA PRO C 25 0.13 -0.14 24.37
C PRO C 25 -0.72 -1.07 23.50
N HIS C 26 -1.22 -2.16 24.08
CA HIS C 26 -2.01 -3.16 23.37
C HIS C 26 -3.29 -3.56 24.11
N ILE C 27 -3.22 -4.56 25.00
CA ILE C 27 -4.39 -5.04 25.76
C ILE C 27 -5.13 -3.90 26.50
N THR C 28 -4.34 -2.96 27.02
CA THR C 28 -4.82 -1.84 27.83
C THR C 28 -5.60 -0.81 27.01
N ILE C 29 -5.50 -0.91 25.69
CA ILE C 29 -6.13 0.05 24.78
C ILE C 29 -7.01 -0.60 23.72
N TYR C 30 -6.72 -1.86 23.37
CA TYR C 30 -7.41 -2.51 22.27
C TYR C 30 -8.85 -2.89 22.63
N ARG C 31 -9.79 -2.38 21.83
CA ARG C 31 -11.22 -2.55 22.05
C ARG C 31 -11.65 -4.02 21.96
N TRP C 32 -12.20 -4.54 23.06
CA TRP C 32 -12.65 -5.93 23.14
C TRP C 32 -13.95 -6.12 22.38
N SER C 33 -14.08 -7.29 21.76
CA SER C 33 -15.29 -7.66 21.04
C SER C 33 -15.79 -9.04 21.50
N LEU C 34 -17.04 -9.39 21.15
CA LEU C 34 -17.60 -10.66 21.58
C LEU C 34 -16.71 -11.87 21.26
N PRO C 35 -16.26 -12.02 20.00
CA PRO C 35 -15.42 -13.17 19.67
C PRO C 35 -14.03 -13.13 20.31
N MET C 36 -13.55 -11.93 20.66
CA MET C 36 -12.26 -11.79 21.32
C MET C 36 -12.34 -12.31 22.75
N ALA C 37 -13.38 -11.90 23.47
CA ALA C 37 -13.62 -12.35 24.84
C ALA C 37 -13.88 -13.86 24.88
N MET C 38 -14.68 -14.34 23.93
CA MET C 38 -15.03 -15.76 23.87
C MET C 38 -13.84 -16.64 23.55
N SER C 39 -12.71 -15.99 23.24
CA SER C 39 -11.48 -16.68 22.92
C SER C 39 -10.58 -16.92 24.13
N ILE C 40 -10.43 -15.92 25.01
CA ILE C 40 -9.65 -16.13 26.24
C ILE C 40 -10.44 -17.01 27.19
N CYS C 41 -11.76 -16.89 27.14
CA CYS C 41 -12.64 -17.75 27.93
C CYS C 41 -12.43 -19.20 27.54
N HIS C 42 -12.23 -19.47 26.25
CA HIS C 42 -11.88 -20.81 25.83
C HIS C 42 -10.54 -21.23 26.48
N ARG C 43 -9.61 -20.29 26.57
CA ARG C 43 -8.33 -20.53 27.25
C ARG C 43 -8.55 -20.83 28.72
N GLY C 44 -9.20 -19.89 29.42
CA GLY C 44 -9.45 -20.03 30.85
C GLY C 44 -10.17 -21.32 31.21
N THR C 45 -11.34 -21.53 30.62
CA THR C 45 -12.14 -22.73 30.86
C THR C 45 -11.32 -24.01 30.67
N GLY C 46 -10.52 -24.03 29.61
CA GLY C 46 -9.60 -25.15 29.37
C GLY C 46 -8.58 -25.32 30.47
N ILE C 47 -7.97 -24.22 30.88
CA ILE C 47 -6.96 -24.22 31.95
C ILE C 47 -7.59 -24.68 33.27
N ALA C 48 -8.78 -24.16 33.56
CA ALA C 48 -9.53 -24.54 34.76
C ALA C 48 -9.90 -26.03 34.71
N LEU C 49 -10.45 -26.46 33.59
CA LEU C 49 -10.92 -27.84 33.42
C LEU C 49 -9.79 -28.84 33.56
N SER C 50 -8.63 -28.49 33.00
CA SER C 50 -7.45 -29.35 33.14
C SER C 50 -6.93 -29.35 34.57
N ALA C 51 -6.98 -28.19 35.21
CA ALA C 51 -6.61 -28.07 36.62
C ALA C 51 -7.52 -28.96 37.48
N GLY C 52 -8.82 -28.92 37.21
CA GLY C 52 -9.78 -29.78 37.87
C GLY C 52 -9.43 -31.26 37.75
N VAL C 53 -9.23 -31.70 36.51
CA VAL C 53 -8.86 -33.10 36.23
C VAL C 53 -7.49 -33.49 36.82
N SER C 54 -6.50 -32.61 36.67
CA SER C 54 -5.19 -32.83 37.26
C SER C 54 -5.30 -33.00 38.77
N LEU C 55 -6.05 -32.10 39.41
CA LEU C 55 -6.26 -32.13 40.86
C LEU C 55 -7.01 -33.40 41.29
N PHE C 56 -7.83 -33.93 40.39
CA PHE C 56 -8.62 -35.13 40.65
C PHE C 56 -7.76 -36.40 40.67
N GLY C 57 -6.96 -36.59 39.62
CA GLY C 57 -6.09 -37.76 39.53
C GLY C 57 -4.90 -37.72 40.46
N LEU C 58 -4.44 -36.51 40.81
CA LEU C 58 -3.32 -36.32 41.71
C LEU C 58 -3.72 -36.60 43.15
N SER C 59 -4.93 -36.20 43.51
CA SER C 59 -5.46 -36.48 44.84
C SER C 59 -5.83 -37.96 44.98
N ALA C 60 -6.11 -38.61 43.85
CA ALA C 60 -6.37 -40.04 43.82
C ALA C 60 -5.10 -40.87 44.07
N LEU C 61 -3.94 -40.25 43.91
CA LEU C 61 -2.67 -40.94 44.14
C LEU C 61 -2.07 -40.65 45.50
N LEU C 62 -2.41 -39.51 46.07
CA LEU C 62 -1.75 -39.06 47.30
C LEU C 62 -2.64 -39.17 48.52
N LEU C 63 -3.90 -38.77 48.38
CA LEU C 63 -4.83 -38.73 49.49
C LEU C 63 -5.34 -40.12 49.89
N PRO C 64 -5.37 -40.41 51.21
CA PRO C 64 -5.92 -41.67 51.68
C PRO C 64 -7.44 -41.66 51.66
N GLY C 65 -8.03 -42.86 51.67
CA GLY C 65 -9.49 -43.04 51.64
C GLY C 65 -10.01 -43.04 50.22
N ASN C 66 -11.09 -43.79 49.98
CA ASN C 66 -11.67 -43.88 48.65
C ASN C 66 -12.67 -42.75 48.37
N PHE C 67 -13.22 -42.75 47.16
CA PHE C 67 -14.22 -41.76 46.75
C PHE C 67 -15.42 -41.74 47.71
N GLU C 68 -15.84 -42.93 48.15
CA GLU C 68 -16.99 -43.08 49.05
C GLU C 68 -16.73 -42.43 50.41
N SER C 69 -15.51 -42.60 50.92
CA SER C 69 -15.07 -41.93 52.15
C SER C 69 -15.19 -40.42 52.05
N HIS C 70 -14.78 -39.87 50.91
CA HIS C 70 -14.79 -38.44 50.67
C HIS C 70 -16.20 -37.88 50.42
N LEU C 71 -17.09 -38.74 49.92
CA LEU C 71 -18.48 -38.34 49.71
C LEU C 71 -19.22 -38.16 51.02
N GLU C 72 -19.00 -39.10 51.94
CA GLU C 72 -19.58 -39.01 53.28
C GLU C 72 -18.93 -37.85 54.02
N LEU C 73 -17.62 -37.67 53.77
CA LEU C 73 -16.87 -36.54 54.32
C LEU C 73 -17.53 -35.22 53.93
N VAL C 74 -18.15 -35.20 52.76
CA VAL C 74 -18.82 -34.01 52.23
C VAL C 74 -20.20 -33.80 52.84
N LYS C 75 -20.93 -34.90 53.06
CA LYS C 75 -22.25 -34.84 53.70
C LYS C 75 -22.19 -34.21 55.10
N SER C 76 -20.98 -34.02 55.62
CA SER C 76 -20.74 -33.27 56.87
C SER C 76 -21.02 -31.80 56.65
N LEU C 77 -21.73 -31.20 57.60
CA LEU C 77 -22.30 -29.84 57.47
C LEU C 77 -23.01 -29.70 56.12
N CYS C 78 -23.87 -30.68 55.83
CA CYS C 78 -24.54 -30.78 54.52
C CYS C 78 -25.08 -29.45 54.03
N LEU C 79 -24.75 -29.13 52.77
CA LEU C 79 -25.11 -27.86 52.15
C LEU C 79 -26.58 -27.81 51.75
N GLY C 80 -27.12 -26.59 51.65
CA GLY C 80 -28.48 -26.39 51.17
C GLY C 80 -28.60 -26.82 49.72
N PRO C 81 -29.79 -27.31 49.32
CA PRO C 81 -30.05 -27.66 47.91
C PRO C 81 -29.62 -26.54 46.95
N THR C 82 -29.76 -25.29 47.39
CA THR C 82 -29.28 -24.14 46.63
C THR C 82 -27.90 -23.71 47.12
N LEU C 83 -27.00 -24.68 47.20
CA LEU C 83 -25.57 -24.46 47.46
C LEU C 83 -24.80 -25.69 47.00
N ILE C 84 -25.53 -26.80 46.88
CA ILE C 84 -25.00 -27.98 46.20
C ILE C 84 -25.26 -27.85 44.70
N TYR C 85 -26.34 -27.15 44.35
CA TYR C 85 -26.67 -26.82 42.96
C TYR C 85 -25.71 -25.74 42.44
N THR C 86 -25.36 -24.80 43.31
CA THR C 86 -24.43 -23.73 42.99
C THR C 86 -23.03 -24.30 42.73
N ALA C 87 -22.55 -25.14 43.65
CA ALA C 87 -21.27 -25.81 43.50
C ALA C 87 -21.32 -26.77 42.31
N LYS C 88 -22.54 -27.17 41.94
CA LYS C 88 -22.78 -28.08 40.83
C LYS C 88 -22.78 -27.32 39.49
N PHE C 89 -23.39 -26.14 39.50
CA PHE C 89 -23.51 -25.28 38.31
C PHE C 89 -22.18 -24.63 37.95
N GLY C 90 -21.38 -24.30 38.96
CA GLY C 90 -20.05 -23.73 38.77
C GLY C 90 -19.00 -24.74 38.37
N ILE C 91 -19.43 -25.93 37.97
CA ILE C 91 -18.53 -26.96 37.46
C ILE C 91 -18.93 -27.34 36.03
N VAL C 92 -20.23 -27.33 35.76
CA VAL C 92 -20.73 -27.58 34.40
C VAL C 92 -20.69 -26.32 33.53
N PHE C 93 -20.54 -25.15 34.15
CA PHE C 93 -20.47 -23.92 33.37
C PHE C 93 -19.14 -23.75 32.64
N PRO C 94 -18.01 -23.85 33.37
CA PRO C 94 -16.71 -23.98 32.71
C PRO C 94 -16.64 -25.11 31.68
N LEU C 95 -17.24 -26.25 31.99
CA LEU C 95 -17.20 -27.39 31.08
C LEU C 95 -18.10 -27.21 29.85
N MET C 96 -19.37 -26.86 30.07
CA MET C 96 -20.34 -26.73 28.97
C MET C 96 -19.99 -25.64 27.97
N TYR C 97 -19.40 -24.54 28.45
CA TYR C 97 -18.91 -23.48 27.58
C TYR C 97 -17.82 -23.98 26.62
N HIS C 98 -16.70 -24.43 27.19
CA HIS C 98 -15.56 -24.98 26.47
C HIS C 98 -15.96 -26.12 25.52
N THR C 99 -17.05 -26.79 25.84
CA THR C 99 -17.61 -27.85 25.00
C THR C 99 -18.22 -27.29 23.73
N TRP C 100 -19.09 -26.29 23.88
CA TRP C 100 -19.82 -25.72 22.74
C TRP C 100 -18.92 -24.91 21.81
N ASN C 101 -18.06 -24.08 22.41
CA ASN C 101 -17.07 -23.31 21.68
C ASN C 101 -16.00 -24.19 21.00
N GLY C 102 -15.69 -25.33 21.61
CA GLY C 102 -14.80 -26.33 21.01
C GLY C 102 -15.37 -26.89 19.72
N ILE C 103 -16.68 -27.13 19.72
CA ILE C 103 -17.43 -27.53 18.52
C ILE C 103 -17.31 -26.43 17.45
N ARG C 104 -17.45 -25.18 17.89
CA ARG C 104 -17.31 -24.03 17.02
C ARG C 104 -15.90 -23.95 16.43
N HIS C 105 -14.89 -24.20 17.26
CA HIS C 105 -13.49 -24.25 16.81
C HIS C 105 -13.22 -25.31 15.77
N LEU C 106 -13.99 -26.41 15.80
CA LEU C 106 -13.83 -27.48 14.81
C LEU C 106 -14.53 -27.16 13.49
N ILE C 107 -15.76 -26.65 13.57
CA ILE C 107 -16.47 -26.09 12.39
C ILE C 107 -15.53 -25.10 11.67
N TRP C 108 -14.84 -24.29 12.46
CA TRP C 108 -13.83 -23.37 11.97
C TRP C 108 -12.64 -24.07 11.30
N ASP C 109 -12.11 -25.11 11.94
CA ASP C 109 -11.00 -25.88 11.35
C ASP C 109 -11.40 -26.44 9.99
N LEU C 110 -12.69 -26.70 9.83
CA LEU C 110 -13.26 -27.13 8.55
C LEU C 110 -13.43 -25.94 7.60
N GLY C 111 -13.34 -24.73 8.13
CA GLY C 111 -13.38 -23.53 7.30
C GLY C 111 -14.75 -22.89 7.20
N LYS C 112 -15.77 -23.58 7.71
CA LYS C 112 -17.13 -23.09 7.71
C LYS C 112 -17.33 -21.90 8.65
N GLY C 113 -18.14 -20.94 8.22
CA GLY C 113 -18.65 -19.87 9.07
C GLY C 113 -17.66 -18.87 9.63
N LEU C 114 -16.59 -18.61 8.89
CA LEU C 114 -15.53 -17.74 9.37
C LEU C 114 -15.70 -16.25 9.04
N THR C 115 -16.89 -15.87 8.59
CA THR C 115 -17.21 -14.45 8.34
C THR C 115 -17.61 -13.76 9.63
N ILE C 116 -17.37 -12.45 9.72
CA ILE C 116 -17.66 -11.68 10.94
C ILE C 116 -19.12 -11.80 11.43
N PRO C 117 -20.12 -11.48 10.57
CA PRO C 117 -21.51 -11.62 11.03
C PRO C 117 -21.85 -13.05 11.49
N GLN C 118 -21.23 -14.05 10.86
CA GLN C 118 -21.36 -15.44 11.29
C GLN C 118 -20.71 -15.71 12.66
N LEU C 119 -19.74 -14.90 13.05
CA LEU C 119 -19.11 -15.04 14.36
C LEU C 119 -19.98 -14.45 15.46
N THR C 120 -20.74 -13.42 15.12
CA THR C 120 -21.69 -12.80 16.04
C THR C 120 -22.93 -13.68 16.21
N GLN C 121 -23.22 -14.51 15.21
CA GLN C 121 -24.30 -15.49 15.30
C GLN C 121 -23.87 -16.73 16.07
N SER C 122 -22.73 -17.32 15.70
CA SER C 122 -22.19 -18.49 16.38
C SER C 122 -21.74 -18.20 17.82
N GLY C 123 -21.47 -16.93 18.10
CA GLY C 123 -21.12 -16.50 19.46
C GLY C 123 -22.27 -16.52 20.44
N VAL C 124 -23.43 -16.01 20.01
CA VAL C 124 -24.65 -15.98 20.83
C VAL C 124 -25.17 -17.41 21.05
N VAL C 125 -25.29 -18.17 19.96
CA VAL C 125 -25.76 -19.55 19.99
C VAL C 125 -24.96 -20.42 20.96
N VAL C 126 -23.64 -20.29 20.97
CA VAL C 126 -22.80 -21.00 21.94
C VAL C 126 -23.09 -20.50 23.35
N LEU C 127 -23.24 -19.18 23.50
CA LEU C 127 -23.47 -18.57 24.80
C LEU C 127 -24.78 -19.08 25.43
N ILE C 128 -25.82 -19.21 24.62
CA ILE C 128 -27.13 -19.69 25.06
C ILE C 128 -27.08 -21.19 25.37
N LEU C 129 -26.56 -21.98 24.44
CA LEU C 129 -26.37 -23.42 24.65
C LEU C 129 -25.58 -23.73 25.93
N THR C 130 -24.59 -22.89 26.23
CA THR C 130 -23.85 -23.00 27.49
C THR C 130 -24.83 -22.91 28.66
N VAL C 131 -25.59 -21.80 28.71
CA VAL C 131 -26.55 -21.54 29.78
C VAL C 131 -27.60 -22.64 29.92
N LEU C 132 -28.20 -23.04 28.79
CA LEU C 132 -29.24 -24.08 28.77
C LEU C 132 -28.76 -25.45 29.19
N SER C 133 -27.51 -25.77 28.88
CA SER C 133 -26.93 -27.07 29.22
C SER C 133 -26.23 -27.06 30.58
N SER C 134 -25.88 -25.87 31.06
CA SER C 134 -25.31 -25.70 32.41
C SER C 134 -26.41 -25.77 33.48
N VAL C 135 -27.54 -25.14 33.18
CA VAL C 135 -28.73 -25.19 34.03
C VAL C 135 -29.41 -26.56 33.90
N GLY C 136 -29.44 -27.09 32.68
CA GLY C 136 -30.02 -28.40 32.41
C GLY C 136 -29.36 -29.53 33.20
N LEU C 137 -28.04 -29.46 33.33
CA LEU C 137 -27.24 -30.52 33.99
C LEU C 137 -27.13 -30.40 35.50
N ALA C 138 -27.10 -29.17 36.01
CA ALA C 138 -27.09 -28.94 37.46
C ALA C 138 -28.46 -29.24 38.09
N ALA C 139 -29.49 -29.36 37.23
CA ALA C 139 -30.84 -29.74 37.65
C ALA C 139 -30.98 -31.27 37.77
N MET C 140 -30.12 -32.01 37.08
CA MET C 140 -30.06 -33.47 37.23
C MET C 140 -29.37 -33.86 38.54
N SER D 2 13.27 -32.09 6.49
CA SER D 2 11.89 -31.53 6.65
C SER D 2 10.80 -32.63 6.68
N SER D 3 10.15 -32.77 7.84
CA SER D 3 8.99 -33.67 7.99
C SER D 3 7.70 -32.84 8.02
N LYS D 4 6.55 -33.51 8.14
CA LYS D 4 5.30 -32.78 8.38
C LYS D 4 4.79 -32.95 9.82
N ALA D 5 5.73 -32.90 10.77
CA ALA D 5 5.45 -33.10 12.20
C ALA D 5 4.47 -32.10 12.80
N ALA D 6 4.64 -30.81 12.47
CA ALA D 6 3.76 -29.76 12.96
C ALA D 6 2.31 -29.94 12.50
N SER D 7 2.11 -30.33 11.24
CA SER D 7 0.77 -30.49 10.69
C SER D 7 0.07 -31.77 11.17
N LEU D 8 0.85 -32.80 11.50
CA LEU D 8 0.31 -34.05 12.05
C LEU D 8 -0.14 -33.87 13.50
N HIS D 9 0.66 -33.13 14.26
CA HIS D 9 0.34 -32.79 15.64
C HIS D 9 -0.90 -31.90 15.69
N TRP D 10 -1.09 -31.07 14.67
CA TRP D 10 -2.29 -30.23 14.58
C TRP D 10 -3.52 -31.10 14.42
N THR D 11 -3.46 -32.02 13.45
CA THR D 11 -4.54 -32.98 13.18
C THR D 11 -4.78 -33.95 14.33
N GLY D 12 -3.70 -34.47 14.91
CA GLY D 12 -3.77 -35.31 16.10
C GLY D 12 -4.72 -34.71 17.10
N GLU D 13 -4.51 -33.44 17.40
CA GLU D 13 -5.35 -32.67 18.33
C GLU D 13 -6.82 -32.66 17.94
N ARG D 14 -7.10 -32.40 16.67
CA ARG D 14 -8.48 -32.33 16.20
C ARG D 14 -9.16 -33.68 16.35
N VAL D 15 -8.39 -34.76 16.19
CA VAL D 15 -8.90 -36.12 16.32
C VAL D 15 -9.29 -36.45 17.76
N VAL D 16 -8.36 -36.26 18.71
CA VAL D 16 -8.67 -36.51 20.12
C VAL D 16 -9.79 -35.58 20.63
N SER D 17 -10.00 -34.47 19.94
CA SER D 17 -11.07 -33.53 20.29
C SER D 17 -12.44 -34.09 19.95
N VAL D 18 -12.62 -34.60 18.74
CA VAL D 18 -13.87 -35.27 18.36
C VAL D 18 -14.05 -36.59 19.11
N LEU D 19 -12.92 -37.24 19.39
CA LEU D 19 -12.88 -38.45 20.20
C LEU D 19 -13.43 -38.15 21.59
N LEU D 20 -12.93 -37.07 22.20
CA LEU D 20 -13.38 -36.64 23.51
C LEU D 20 -14.80 -36.08 23.47
N LEU D 21 -15.17 -35.45 22.37
CA LEU D 21 -16.53 -34.95 22.17
C LEU D 21 -17.51 -36.13 22.11
N GLY D 22 -17.15 -37.15 21.35
CA GLY D 22 -17.99 -38.35 21.21
C GLY D 22 -18.02 -39.22 22.45
N LEU D 23 -16.96 -39.20 23.23
CA LEU D 23 -16.82 -40.01 24.45
C LEU D 23 -17.74 -39.57 25.60
N LEU D 24 -18.21 -38.32 25.58
CA LEU D 24 -19.09 -37.81 26.65
C LEU D 24 -20.50 -38.42 26.61
N PRO D 25 -21.20 -38.33 25.46
CA PRO D 25 -22.51 -39.00 25.43
C PRO D 25 -22.36 -40.49 25.70
N ALA D 26 -21.32 -41.10 25.14
CA ALA D 26 -21.06 -42.54 25.28
C ALA D 26 -20.81 -42.98 26.73
N ALA D 27 -20.23 -42.09 27.53
CA ALA D 27 -20.00 -42.35 28.95
C ALA D 27 -21.28 -42.28 29.78
N TYR D 28 -22.23 -41.46 29.33
CA TYR D 28 -23.56 -41.37 29.93
C TYR D 28 -24.42 -42.55 29.50
N LEU D 29 -24.48 -42.79 28.18
CA LEU D 29 -25.26 -43.88 27.62
C LEU D 29 -24.73 -45.27 28.00
N ASN D 30 -23.42 -45.41 28.02
CA ASN D 30 -22.79 -46.71 28.25
C ASN D 30 -21.72 -46.65 29.35
N PRO D 31 -22.12 -46.30 30.60
CA PRO D 31 -21.11 -46.19 31.65
C PRO D 31 -20.50 -47.55 31.96
N CYS D 32 -19.20 -47.69 31.70
CA CYS D 32 -18.51 -48.94 31.99
C CYS D 32 -17.05 -48.70 32.34
N SER D 33 -16.29 -49.80 32.49
CA SER D 33 -14.89 -49.72 32.87
C SER D 33 -14.03 -49.36 31.66
N ALA D 34 -14.42 -49.85 30.49
CA ALA D 34 -13.75 -49.51 29.23
C ALA D 34 -13.86 -48.01 28.99
N MET D 35 -15.08 -47.50 29.08
CA MET D 35 -15.37 -46.06 29.00
C MET D 35 -14.54 -45.27 30.01
N ASP D 36 -14.44 -45.79 31.24
CA ASP D 36 -13.68 -45.16 32.31
C ASP D 36 -12.21 -44.96 31.96
N TYR D 37 -11.63 -45.92 31.21
CA TYR D 37 -10.23 -45.83 30.81
C TYR D 37 -10.01 -44.95 29.58
N SER D 38 -10.84 -45.12 28.56
CA SER D 38 -10.73 -44.34 27.32
C SER D 38 -11.08 -42.87 27.53
N LEU D 39 -11.87 -42.58 28.56
CA LEU D 39 -12.14 -41.20 28.95
C LEU D 39 -10.91 -40.62 29.64
N ALA D 40 -10.22 -41.45 30.42
CA ALA D 40 -8.99 -41.07 31.12
C ALA D 40 -7.84 -40.75 30.15
N ALA D 41 -7.76 -41.51 29.07
CA ALA D 41 -6.77 -41.26 28.02
C ALA D 41 -7.07 -39.95 27.30
N ALA D 42 -8.30 -39.83 26.78
CA ALA D 42 -8.75 -38.65 26.04
C ALA D 42 -8.72 -37.37 26.85
N LEU D 43 -9.13 -37.45 28.12
CA LEU D 43 -9.05 -36.33 29.05
C LEU D 43 -7.63 -35.79 29.22
N THR D 44 -6.68 -36.69 29.48
CA THR D 44 -5.31 -36.31 29.82
C THR D 44 -4.48 -35.90 28.60
N LEU D 45 -4.64 -36.64 27.50
CA LEU D 45 -3.94 -36.33 26.26
C LEU D 45 -4.32 -34.92 25.79
N HIS D 46 -5.60 -34.74 25.47
CA HIS D 46 -6.15 -33.48 24.98
C HIS D 46 -5.81 -32.29 25.88
N GLY D 47 -5.86 -32.53 27.19
CA GLY D 47 -5.46 -31.53 28.16
C GLY D 47 -3.97 -31.25 28.13
N HIS D 48 -3.17 -32.29 27.90
CA HIS D 48 -1.70 -32.17 27.85
C HIS D 48 -1.24 -31.37 26.63
N TRP D 49 -1.80 -31.72 25.48
CA TRP D 49 -1.58 -30.97 24.25
C TRP D 49 -2.03 -29.51 24.38
N GLY D 50 -3.20 -29.28 24.96
CA GLY D 50 -3.74 -27.94 25.16
C GLY D 50 -2.89 -27.01 26.00
N ILE D 51 -2.50 -27.46 27.20
CA ILE D 51 -1.61 -26.68 28.06
C ILE D 51 -0.23 -26.49 27.40
N GLY D 52 0.21 -27.51 26.64
CA GLY D 52 1.41 -27.39 25.79
C GLY D 52 1.40 -26.17 24.89
N GLN D 53 0.23 -25.89 24.31
CA GLN D 53 -0.03 -24.70 23.49
C GLN D 53 0.16 -23.42 24.28
N VAL D 54 -0.39 -23.41 25.48
CA VAL D 54 -0.30 -22.27 26.37
C VAL D 54 1.15 -22.09 26.83
N VAL D 55 1.87 -23.20 26.98
CA VAL D 55 3.28 -23.15 27.36
C VAL D 55 4.11 -22.50 26.26
N THR D 56 3.99 -23.01 25.03
CA THR D 56 4.74 -22.46 23.89
C THR D 56 4.46 -20.97 23.72
N ASP D 57 3.19 -20.59 23.89
CA ASP D 57 2.76 -19.21 23.71
C ASP D 57 3.41 -18.21 24.68
N TYR D 58 3.38 -18.52 25.98
CA TYR D 58 3.73 -17.54 27.01
C TYR D 58 5.11 -17.71 27.67
N VAL D 59 5.69 -18.89 27.58
CA VAL D 59 6.96 -19.15 28.27
C VAL D 59 8.14 -18.81 27.38
N ARG D 60 8.55 -17.54 27.43
CA ARG D 60 9.66 -17.04 26.62
C ARG D 60 10.98 -17.45 27.27
N GLY D 61 11.91 -17.92 26.45
CA GLY D 61 13.20 -18.36 26.96
C GLY D 61 13.47 -19.81 26.62
N ASP D 62 14.74 -20.17 26.61
CA ASP D 62 15.15 -21.52 26.20
C ASP D 62 15.24 -22.45 27.41
N ALA D 63 15.77 -21.93 28.51
CA ALA D 63 15.79 -22.65 29.78
C ALA D 63 14.35 -22.92 30.23
N LEU D 64 13.57 -21.85 30.37
CA LEU D 64 12.19 -21.92 30.84
C LEU D 64 11.27 -22.81 29.99
N GLN D 65 11.37 -22.70 28.66
CA GLN D 65 10.53 -23.51 27.74
C GLN D 65 10.81 -25.01 27.89
N LYS D 66 12.08 -25.35 28.12
CA LYS D 66 12.51 -26.73 28.33
C LYS D 66 11.94 -27.31 29.65
N ALA D 67 12.02 -26.52 30.72
CA ALA D 67 11.50 -26.91 32.03
C ALA D 67 9.97 -26.99 32.03
N ALA D 68 9.32 -25.93 31.59
CA ALA D 68 7.85 -25.82 31.60
C ALA D 68 7.18 -26.98 30.88
N LYS D 69 7.84 -27.50 29.85
CA LYS D 69 7.36 -28.69 29.15
C LYS D 69 7.66 -29.97 29.93
N ALA D 70 8.79 -30.01 30.62
CA ALA D 70 9.22 -31.17 31.41
C ALA D 70 8.28 -31.41 32.59
N GLY D 71 7.97 -30.35 33.32
CA GLY D 71 7.01 -30.39 34.41
C GLY D 71 5.59 -30.68 33.95
N LEU D 72 5.22 -30.14 32.79
CA LEU D 72 3.90 -30.41 32.19
C LEU D 72 3.74 -31.89 31.87
N LEU D 73 4.83 -32.50 31.38
CA LEU D 73 4.86 -33.93 31.10
C LEU D 73 4.66 -34.74 32.38
N ALA D 74 5.35 -34.33 33.44
CA ALA D 74 5.23 -34.95 34.76
C ALA D 74 3.81 -34.83 35.29
N LEU D 75 3.22 -33.64 35.16
CA LEU D 75 1.86 -33.36 35.61
C LEU D 75 0.84 -34.25 34.89
N SER D 76 1.01 -34.42 33.59
CA SER D 76 0.09 -35.24 32.79
C SER D 76 0.27 -36.74 33.04
N ALA D 77 1.51 -37.15 33.34
CA ALA D 77 1.83 -38.54 33.65
C ALA D 77 1.19 -38.98 34.97
N PHE D 78 1.33 -38.16 36.00
CA PHE D 78 0.68 -38.39 37.28
C PHE D 78 -0.84 -38.31 37.15
N THR D 79 -1.35 -37.39 36.32
CA THR D 79 -2.80 -37.28 36.13
C THR D 79 -3.38 -38.52 35.46
N PHE D 80 -2.66 -39.10 34.49
CA PHE D 80 -3.15 -40.32 33.84
C PHE D 80 -3.04 -41.54 34.76
N ALA D 81 -1.88 -41.70 35.41
CA ALA D 81 -1.67 -42.79 36.37
C ALA D 81 -2.70 -42.80 37.49
N GLY D 82 -3.04 -41.61 37.98
CA GLY D 82 -4.06 -41.41 39.01
C GLY D 82 -5.45 -41.82 38.57
N LEU D 83 -5.82 -41.48 37.33
CA LEU D 83 -7.13 -41.83 36.81
C LEU D 83 -7.22 -43.32 36.46
N CYS D 84 -6.09 -43.93 36.15
CA CYS D 84 -6.02 -45.36 35.92
C CYS D 84 -6.12 -46.14 37.22
N TYR D 85 -5.48 -45.59 38.26
CA TYR D 85 -5.56 -46.14 39.61
C TYR D 85 -7.00 -46.09 40.12
N PHE D 86 -7.62 -44.91 39.99
CA PHE D 86 -9.01 -44.70 40.39
C PHE D 86 -9.97 -45.64 39.67
N ASN D 87 -9.74 -45.89 38.40
CA ASN D 87 -10.60 -46.80 37.63
C ASN D 87 -10.43 -48.26 38.03
N TYR D 88 -9.30 -48.57 38.67
CA TYR D 88 -8.93 -49.94 39.02
C TYR D 88 -9.21 -50.25 40.49
N HIS D 89 -8.67 -49.44 41.39
CA HIS D 89 -8.78 -49.68 42.83
C HIS D 89 -9.81 -48.80 43.53
N ASP D 90 -10.72 -48.21 42.74
CA ASP D 90 -11.77 -47.37 43.29
C ASP D 90 -12.99 -47.41 42.38
N VAL D 91 -13.96 -46.58 42.74
CA VAL D 91 -15.25 -46.44 42.08
C VAL D 91 -15.25 -46.50 40.54
N GLY D 92 -14.32 -45.81 39.90
CA GLY D 92 -14.33 -45.65 38.44
C GLY D 92 -15.06 -44.37 38.08
N ILE D 93 -14.54 -43.64 37.10
CA ILE D 93 -14.98 -42.24 36.88
C ILE D 93 -16.45 -42.02 36.45
N CYS D 94 -17.01 -42.95 35.68
CA CYS D 94 -18.42 -42.89 35.30
C CYS D 94 -19.30 -42.96 36.55
N LYS D 95 -19.06 -44.01 37.35
CA LYS D 95 -19.75 -44.24 38.61
C LYS D 95 -19.46 -43.11 39.63
N ALA D 96 -18.25 -42.54 39.56
CA ALA D 96 -17.86 -41.44 40.45
C ALA D 96 -18.70 -40.20 40.22
N VAL D 97 -18.98 -39.91 38.95
CA VAL D 97 -19.84 -38.79 38.59
C VAL D 97 -21.27 -39.08 39.01
N ALA D 98 -21.73 -40.29 38.70
CA ALA D 98 -23.06 -40.78 39.08
C ALA D 98 -23.33 -40.59 40.58
N MET D 99 -22.47 -41.18 41.39
CA MET D 99 -22.53 -41.06 42.86
C MET D 99 -22.53 -39.60 43.30
N LEU D 100 -21.71 -38.79 42.63
CA LEU D 100 -21.58 -37.38 42.95
C LEU D 100 -22.80 -36.56 42.51
N TRP D 101 -23.55 -37.06 41.53
CA TRP D 101 -24.65 -36.27 40.95
C TRP D 101 -26.01 -36.49 41.60
N LYS D 102 -26.31 -37.74 41.97
CA LYS D 102 -27.44 -38.03 42.84
C LYS D 102 -27.01 -37.73 44.28
N LEU D 103 -26.88 -36.43 44.57
CA LEU D 103 -26.34 -35.93 45.83
C LEU D 103 -26.81 -34.49 46.04
PA FAD E . 5.94 7.37 -7.98
O1A FAD E . 5.18 6.06 -8.00
O2A FAD E . 5.18 8.66 -8.12
O5B FAD E . 6.82 7.42 -6.62
C5B FAD E . 8.04 8.15 -6.55
C4B FAD E . 9.11 7.39 -5.76
O4B FAD E . 10.25 8.24 -5.61
C3B FAD E . 8.65 7.03 -4.35
O3B FAD E . 9.06 5.69 -4.04
C2B FAD E . 9.40 7.98 -3.43
O2B FAD E . 9.81 7.37 -2.20
C1B FAD E . 10.62 8.41 -4.23
N9A FAD E . 11.07 9.78 -3.84
C8A FAD E . 10.47 10.97 -4.06
N7A FAD E . 11.22 11.97 -3.52
C5A FAD E . 12.30 11.39 -2.94
C6A FAD E . 13.49 11.86 -2.18
N6A FAD E . 13.71 13.18 -1.90
N1A FAD E . 14.36 10.94 -1.74
C2A FAD E . 14.19 9.63 -1.99
N3A FAD E . 13.14 9.17 -2.67
C4A FAD E . 12.19 10.01 -3.15
N1 FAD E . -1.05 5.85 -15.01
C2 FAD E . -1.37 4.79 -15.81
O2 FAD E . -0.65 4.52 -16.81
N3 FAD E . -2.47 4.06 -15.53
C4 FAD E . -3.26 4.36 -14.48
O4 FAD E . -4.28 3.66 -14.27
C4X FAD E . -2.94 5.44 -13.65
N5 FAD E . -3.74 5.74 -12.60
C5X FAD E . -3.46 6.77 -11.78
C6 FAD E . -4.30 7.04 -10.70
C7 FAD E . -4.01 8.10 -9.84
C7M FAD E . -4.92 8.39 -8.68
C8 FAD E . -2.81 8.96 -10.08
C8M FAD E . -2.51 10.12 -9.17
C9 FAD E . -1.96 8.68 -11.15
C9A FAD E . -2.26 7.62 -12.01
N10 FAD E . -1.44 7.31 -13.13
C10 FAD E . -1.80 6.19 -13.93
C1' FAD E . -0.22 8.10 -13.37
C2' FAD E . 0.94 7.27 -12.80
O2' FAD E . 0.50 6.31 -11.84
C3' FAD E . 2.07 8.08 -12.15
O3' FAD E . 2.32 9.27 -12.90
C4' FAD E . 3.33 7.20 -12.10
O4' FAD E . 2.97 5.97 -11.46
C5' FAD E . 4.53 7.80 -11.37
O5' FAD E . 5.31 6.71 -10.89
P FAD E . 6.90 6.72 -10.64
O1P FAD E . 7.45 5.33 -10.78
O2P FAD E . 7.49 7.83 -11.50
O3P FAD E . 7.10 7.20 -9.11
O1 OAA F . -3.91 6.66 -16.99
O2 OAA F . -3.34 8.14 -15.47
O4 OAA F . -7.97 5.84 -15.40
O5 OAA F . -6.95 5.04 -13.63
O3 OAA F . -6.38 8.05 -13.67
C1 OAA F . -4.14 7.29 -15.94
C2 OAA F . -5.22 7.10 -15.31
C3 OAA F . -6.18 7.05 -14.51
C4 OAA F . -7.09 5.91 -14.52
FE1 FES G . -3.99 6.24 4.67
FE2 FES G . -2.52 5.91 2.09
S1 FES G . -3.77 4.55 3.29
S2 FES G . -2.49 7.45 3.64
FE1 SF4 H . -3.78 -6.54 4.40
FE2 SF4 H . -4.08 -4.44 6.02
FE3 SF4 H . -6.21 -6.13 5.60
FE4 SF4 H . -3.97 -7.03 6.95
S1 SF4 H . -5.46 -5.37 7.62
S2 SF4 H . -5.14 -8.15 5.34
S3 SF4 H . -2.25 -5.85 5.98
S4 SF4 H . -5.23 -4.75 4.04
FE1 F3S I . -6.46 -13.57 13.22
FE3 F3S I . -5.29 -16.05 13.91
FE4 F3S I . -5.10 -13.96 15.08
S1 F3S I . -7.37 -15.59 13.26
S2 F3S I . -6.18 -12.07 14.85
S3 F3S I . -4.35 -14.24 13.05
S4 F3S I . -4.34 -15.84 15.91
CHA HEM J . -8.44 -26.23 23.77
CHB HEM J . -12.04 -29.00 21.95
CHC HEM J . -13.14 -30.36 26.55
CHD HEM J . -8.67 -28.80 27.89
C1A HEM J . -9.35 -26.86 22.79
C2A HEM J . -9.36 -26.55 21.34
C3A HEM J . -10.46 -27.42 20.84
C4A HEM J . -10.93 -28.05 22.00
CMA HEM J . -10.96 -27.56 19.43
CAA HEM J . -8.44 -25.63 20.56
CBA HEM J . -9.05 -24.27 20.28
CGA HEM J . -8.00 -23.40 19.65
O1A HEM J . -7.55 -22.43 20.31
O2A HEM J . -7.63 -23.67 18.49
C1B HEM J . -12.77 -29.62 23.08
C2B HEM J . -13.92 -30.37 22.90
C3B HEM J . -14.23 -30.77 24.28
C4B HEM J . -13.24 -30.23 25.08
CMB HEM J . -14.67 -30.69 21.62
CAB HEM J . -15.38 -31.60 24.69
CBB HEM J . -16.20 -31.20 25.63
C1C HEM J . -11.93 -30.19 27.38
C2C HEM J . -11.77 -30.75 28.76
C3C HEM J . -10.43 -30.27 29.12
C4C HEM J . -9.97 -29.48 27.95
CMC HEM J . -12.73 -31.60 29.57
CAC HEM J . -9.69 -30.51 30.39
CBC HEM J . -8.89 -31.56 30.48
C1D HEM J . -8.19 -27.85 26.87
C2D HEM J . -7.01 -27.12 26.97
C3D HEM J . -6.94 -26.38 25.79
C4D HEM J . -8.08 -26.77 25.10
CMD HEM J . -6.03 -27.12 28.11
CAD HEM J . -5.89 -25.40 25.33
CBD HEM J . -6.37 -23.96 25.42
CGD HEM J . -5.89 -23.15 24.23
O1D HEM J . -4.74 -23.36 23.76
O2D HEM J . -6.63 -22.26 23.77
NA HEM J . -10.30 -27.74 23.16
NB HEM J . -12.35 -29.51 24.37
NC HEM J . -10.87 -29.44 26.94
ND HEM J . -8.86 -27.65 25.73
FE HEM J . -10.66 -28.50 25.09
O1 PCI K . -3.08 -14.81 24.59
C1 PCI K . -4.33 -14.44 24.22
C2 PCI K . -4.79 -13.15 24.42
CL1 PCI K . -3.72 -11.93 25.16
C3 PCI K . -6.06 -12.77 24.03
CL2 PCI K . -6.66 -11.12 24.27
C4 PCI K . -6.91 -13.69 23.46
CL3 PCI K . -8.56 -13.17 22.97
C5 PCI K . -6.46 -14.98 23.27
CL4 PCI K . -7.55 -16.17 22.52
C6 PCI K . -5.18 -15.36 23.65
CL5 PCI K . -4.61 -17.04 23.39
#